data_9NXP
#
_entry.id   9NXP
#
_cell.length_a   1.00
_cell.length_b   1.00
_cell.length_c   1.00
_cell.angle_alpha   90.00
_cell.angle_beta   90.00
_cell.angle_gamma   90.00
#
_symmetry.space_group_name_H-M   'P 1'
#
_entity_poly.entity_id   1
_entity_poly.type   'polypeptide(L)'
_entity_poly.pdbx_seq_one_letter_code
;MSQKYSPSIPPQEEEELLPFLNEEFVRVGQTLNDLADGYWGVSMEPPKKLKPGTVKYFAPGVVGPVSGIYHYDLDNQWRL
AGTKPKDLPGDFILFTPQNNHQPMGTCAYRMNTAKDEVWITMLMSGGNYTNGATVLDLPQAYWPPAELFIPAYSSIIPAQ
STITYPPPSDPNAPPLDQVFDVLNRATIQTGVVNQAMFKITANGRVLIQGIPQGAVFGGTFTFPLVVTP
;
_entity_poly.pdbx_strand_id   A,B,C
#
# COMPACT_ATOMS: atom_id res chain seq x y z
N SER A 2 -42.97 0.51 10.71
CA SER A 2 -44.15 0.94 9.97
C SER A 2 -45.39 0.17 10.42
N GLN A 3 -46.49 0.88 10.60
CA GLN A 3 -47.74 0.25 11.02
C GLN A 3 -48.31 -0.60 9.89
N LYS A 4 -48.87 -1.74 10.24
CA LYS A 4 -49.49 -2.62 9.26
C LYS A 4 -51.00 -2.39 9.22
N TYR A 5 -51.54 -2.26 8.02
CA TYR A 5 -52.96 -1.99 7.84
C TYR A 5 -53.72 -3.31 7.74
N SER A 6 -54.74 -3.47 8.57
CA SER A 6 -55.61 -4.64 8.53
C SER A 6 -56.99 -4.23 8.06
N PRO A 7 -57.48 -4.76 6.94
CA PRO A 7 -58.83 -4.41 6.48
C PRO A 7 -59.89 -4.79 7.50
N SER A 8 -60.93 -3.97 7.59
CA SER A 8 -61.99 -4.14 8.57
C SER A 8 -63.28 -4.58 7.90
N ILE A 9 -64.10 -5.29 8.66
CA ILE A 9 -65.38 -5.81 8.18
C ILE A 9 -66.34 -4.65 7.97
N PRO A 10 -67.02 -4.58 6.82
CA PRO A 10 -67.99 -3.50 6.59
C PRO A 10 -69.23 -3.68 7.46
N PRO A 11 -70.03 -2.63 7.64
CA PRO A 11 -71.27 -2.78 8.42
C PRO A 11 -72.26 -3.71 7.74
N GLN A 12 -73.35 -4.01 8.45
CA GLN A 12 -74.30 -5.02 8.02
C GLN A 12 -75.32 -4.52 7.01
N GLU A 13 -75.58 -3.20 6.98
CA GLU A 13 -76.60 -2.67 6.08
C GLU A 13 -76.04 -1.43 5.37
N GLU A 14 -76.57 -1.15 4.18
CA GLU A 14 -76.04 -0.13 3.28
C GLU A 14 -76.17 1.29 3.85
N GLU A 15 -77.11 1.49 4.77
CA GLU A 15 -77.39 2.82 5.30
C GLU A 15 -76.20 3.41 6.04
N GLU A 16 -75.39 2.58 6.70
CA GLU A 16 -74.28 3.07 7.50
C GLU A 16 -72.93 2.93 6.80
N LEU A 17 -72.90 3.11 5.47
CA LEU A 17 -71.69 2.85 4.70
C LEU A 17 -70.78 4.09 4.67
N LEU A 18 -71.31 5.26 4.99
CA LEU A 18 -70.54 6.49 4.83
C LEU A 18 -69.43 6.61 5.87
N PRO A 19 -69.73 6.57 7.19
CA PRO A 19 -68.65 6.70 8.18
C PRO A 19 -67.61 5.60 8.07
N PHE A 20 -68.04 4.39 7.71
CA PHE A 20 -67.12 3.28 7.54
C PHE A 20 -66.11 3.56 6.44
N LEU A 21 -66.57 4.07 5.30
CA LEU A 21 -65.66 4.45 4.23
C LEU A 21 -64.71 5.52 4.69
N ASN A 22 -65.22 6.52 5.44
CA ASN A 22 -64.36 7.57 5.95
C ASN A 22 -63.21 7.01 6.76
N GLU A 23 -63.52 6.16 7.74
CA GLU A 23 -62.50 5.65 8.65
C GLU A 23 -61.50 4.76 7.92
N GLU A 24 -61.99 3.82 7.12
CA GLU A 24 -61.08 2.89 6.45
C GLU A 24 -60.20 3.63 5.44
N PHE A 25 -60.77 4.60 4.73
CA PHE A 25 -59.99 5.32 3.73
C PHE A 25 -58.95 6.24 4.37
N VAL A 26 -59.30 6.90 5.49
CA VAL A 26 -58.28 7.71 6.15
C VAL A 26 -57.19 6.82 6.73
N ARG A 27 -57.54 5.63 7.21
CA ARG A 27 -56.52 4.70 7.69
C ARG A 27 -55.56 4.31 6.57
N VAL A 28 -56.10 3.89 5.42
CA VAL A 28 -55.23 3.47 4.33
C VAL A 28 -54.43 4.65 3.79
N GLY A 29 -55.01 5.85 3.78
CA GLY A 29 -54.27 7.02 3.34
C GLY A 29 -53.12 7.36 4.27
N GLN A 30 -53.35 7.27 5.58
CA GLN A 30 -52.28 7.50 6.54
C GLN A 30 -51.16 6.48 6.35
N THR A 31 -51.51 5.21 6.18
CA THR A 31 -50.48 4.20 5.96
C THR A 31 -49.71 4.46 4.67
N LEU A 32 -50.42 4.78 3.59
CA LEU A 32 -49.78 5.01 2.31
C LEU A 32 -48.85 6.22 2.37
N ASN A 33 -49.26 7.30 3.04
CA ASN A 33 -48.39 8.46 3.16
C ASN A 33 -47.19 8.17 4.05
N ASP A 34 -47.41 7.50 5.18
CA ASP A 34 -46.31 7.18 6.09
C ASP A 34 -45.30 6.23 5.44
N LEU A 35 -45.74 5.50 4.40
CA LEU A 35 -44.78 4.66 3.68
C LEU A 35 -44.15 5.40 2.52
N ALA A 36 -44.91 6.27 1.84
CA ALA A 36 -44.41 6.95 0.66
C ALA A 36 -43.51 8.13 0.99
N ASP A 37 -43.53 8.62 2.23
CA ASP A 37 -42.58 9.66 2.61
C ASP A 37 -41.14 9.15 2.65
N GLY A 38 -40.94 7.84 2.59
CA GLY A 38 -39.62 7.27 2.72
C GLY A 38 -39.33 6.65 4.08
N TYR A 39 -40.35 6.11 4.74
CA TYR A 39 -40.23 5.53 6.08
C TYR A 39 -40.47 4.03 5.99
N TRP A 40 -39.38 3.26 5.87
CA TRP A 40 -39.50 1.81 5.90
C TRP A 40 -39.87 1.30 7.28
N GLY A 41 -39.71 2.12 8.31
CA GLY A 41 -39.96 1.72 9.68
C GLY A 41 -38.70 1.79 10.53
N VAL A 42 -38.86 1.39 11.78
CA VAL A 42 -37.74 1.38 12.71
C VAL A 42 -37.17 -0.04 12.78
N SER A 43 -35.84 -0.14 12.75
CA SER A 43 -35.18 -1.42 12.88
C SER A 43 -35.62 -2.10 14.18
N MET A 44 -35.98 -3.37 14.09
CA MET A 44 -36.62 -4.08 15.19
C MET A 44 -35.94 -5.44 15.36
N GLU A 45 -36.57 -6.29 16.18
CA GLU A 45 -36.10 -7.65 16.46
C GLU A 45 -35.95 -8.45 15.17
N PRO A 46 -35.25 -9.59 15.21
CA PRO A 46 -34.87 -10.24 13.95
C PRO A 46 -36.09 -10.64 13.14
N PRO A 47 -35.95 -10.69 11.81
CA PRO A 47 -37.11 -10.95 10.95
C PRO A 47 -37.57 -12.39 10.96
N LYS A 48 -38.50 -12.70 10.05
CA LYS A 48 -39.20 -13.98 10.02
C LYS A 48 -38.80 -14.69 8.73
N LYS A 49 -39.49 -15.77 8.36
CA LYS A 49 -39.07 -16.74 7.34
C LYS A 49 -38.31 -16.11 6.18
N LEU A 50 -37.15 -16.69 5.88
CA LEU A 50 -36.25 -16.16 4.86
C LEU A 50 -36.78 -16.49 3.46
N LYS A 51 -36.68 -15.52 2.56
CA LYS A 51 -37.01 -15.75 1.15
C LYS A 51 -36.31 -14.71 0.29
N PRO A 52 -35.72 -15.10 -0.83
CA PRO A 52 -35.03 -14.13 -1.69
C PRO A 52 -36.02 -13.13 -2.28
N GLY A 53 -35.73 -11.85 -2.11
CA GLY A 53 -36.60 -10.81 -2.61
C GLY A 53 -36.90 -9.73 -1.59
N THR A 54 -36.99 -10.13 -0.31
CA THR A 54 -37.17 -9.18 0.78
C THR A 54 -35.89 -9.13 1.60
N VAL A 55 -35.42 -7.92 1.89
CA VAL A 55 -34.20 -7.74 2.67
C VAL A 55 -34.39 -6.60 3.66
N LYS A 56 -34.66 -6.95 4.91
CA LYS A 56 -34.90 -5.97 5.95
C LYS A 56 -33.57 -5.47 6.52
N TYR A 57 -33.45 -4.14 6.59
CA TYR A 57 -32.30 -3.50 7.21
C TYR A 57 -32.32 -3.69 8.72
N PHE A 58 -31.21 -3.35 9.37
CA PHE A 58 -31.07 -3.66 10.78
C PHE A 58 -30.24 -2.57 11.48
N ALA A 59 -30.34 -2.59 12.82
CA ALA A 59 -29.68 -1.76 13.82
C ALA A 59 -28.31 -2.36 14.13
N PRO A 60 -27.53 -1.81 15.06
CA PRO A 60 -26.25 -2.45 15.38
C PRO A 60 -26.41 -3.83 16.01
N GLY A 61 -25.38 -4.64 15.84
CA GLY A 61 -25.17 -5.85 16.62
C GLY A 61 -25.68 -7.19 16.14
N VAL A 62 -26.99 -7.43 16.19
CA VAL A 62 -27.50 -8.79 16.13
C VAL A 62 -27.35 -9.37 14.73
N VAL A 63 -28.04 -8.79 13.75
CA VAL A 63 -27.92 -9.28 12.38
C VAL A 63 -26.55 -8.95 11.81
N GLY A 64 -26.06 -7.75 12.08
CA GLY A 64 -24.73 -7.35 11.67
C GLY A 64 -24.10 -6.41 12.68
N PRO A 65 -22.77 -6.39 12.72
CA PRO A 65 -22.08 -5.54 13.72
C PRO A 65 -22.46 -4.07 13.65
N VAL A 66 -22.68 -3.54 12.45
CA VAL A 66 -22.96 -2.12 12.27
C VAL A 66 -24.41 -1.96 11.86
N SER A 67 -24.91 -0.73 11.97
CA SER A 67 -26.25 -0.40 11.47
C SER A 67 -26.27 -0.49 9.95
N GLY A 68 -27.46 -0.28 9.38
CA GLY A 68 -27.54 -0.15 7.94
C GLY A 68 -28.57 -1.03 7.28
N ILE A 69 -28.40 -1.29 5.99
CA ILE A 69 -29.39 -2.02 5.20
C ILE A 69 -28.77 -3.35 4.81
N TYR A 70 -28.94 -4.36 5.65
CA TYR A 70 -28.45 -5.69 5.35
C TYR A 70 -29.37 -6.37 4.34
N HIS A 71 -28.78 -7.21 3.50
CA HIS A 71 -29.51 -7.83 2.42
C HIS A 71 -28.98 -9.24 2.19
N TYR A 72 -29.83 -10.24 2.35
CA TYR A 72 -29.40 -11.61 2.13
C TYR A 72 -29.68 -12.02 0.68
N ASP A 73 -29.44 -13.29 0.38
CA ASP A 73 -29.45 -13.78 -1.00
C ASP A 73 -29.79 -15.27 -0.96
N LEU A 74 -29.53 -15.96 -2.07
CA LEU A 74 -29.79 -17.39 -2.14
C LEU A 74 -29.00 -18.15 -1.07
N ASP A 75 -27.72 -17.78 -0.89
CA ASP A 75 -26.91 -18.39 0.15
C ASP A 75 -27.36 -17.97 1.54
N ASN A 76 -28.09 -16.85 1.65
CA ASN A 76 -28.72 -16.41 2.89
C ASN A 76 -27.69 -16.05 3.95
N GLN A 77 -26.60 -15.40 3.55
CA GLN A 77 -25.58 -14.99 4.50
C GLN A 77 -25.77 -13.59 5.04
N TRP A 78 -26.83 -12.88 4.62
CA TRP A 78 -27.16 -11.54 5.11
C TRP A 78 -25.99 -10.58 4.87
N ARG A 79 -25.72 -10.35 3.58
CA ARG A 79 -24.64 -9.47 3.17
C ARG A 79 -24.79 -8.09 3.78
N LEU A 80 -23.66 -7.47 4.10
CA LEU A 80 -23.61 -6.14 4.67
C LEU A 80 -24.23 -5.12 3.71
N ALA A 81 -24.53 -3.93 4.25
CA ALA A 81 -25.13 -2.87 3.46
C ALA A 81 -24.17 -2.42 2.36
N GLY A 82 -24.47 -2.79 1.12
CA GLY A 82 -23.55 -2.56 0.02
C GLY A 82 -22.61 -3.73 -0.10
N THR A 83 -22.64 -4.42 -1.23
CA THR A 83 -21.85 -5.62 -1.42
C THR A 83 -20.71 -5.37 -2.41
N LYS A 84 -19.56 -5.98 -2.13
CA LYS A 84 -18.38 -5.94 -2.99
C LYS A 84 -17.63 -7.24 -2.81
N PRO A 85 -17.37 -8.00 -3.89
CA PRO A 85 -16.73 -9.31 -3.73
C PRO A 85 -15.36 -9.22 -3.05
N LYS A 86 -14.42 -8.52 -3.68
CA LYS A 86 -13.10 -8.27 -3.12
C LYS A 86 -12.28 -7.47 -4.12
N ASP A 87 -11.08 -7.07 -3.70
CA ASP A 87 -10.05 -6.58 -4.60
C ASP A 87 -8.75 -7.34 -4.32
N LEU A 88 -7.91 -7.49 -5.35
CA LEU A 88 -6.69 -8.26 -5.21
C LEU A 88 -5.67 -7.82 -6.26
N PRO A 89 -4.39 -7.74 -5.90
CA PRO A 89 -3.36 -7.40 -6.89
C PRO A 89 -3.07 -8.54 -7.85
N GLY A 90 -2.09 -8.36 -8.73
CA GLY A 90 -1.74 -9.35 -9.72
C GLY A 90 -0.74 -10.37 -9.19
N ASP A 91 -0.17 -11.12 -10.13
CA ASP A 91 0.80 -12.16 -9.83
C ASP A 91 2.20 -11.70 -10.22
N PHE A 92 3.21 -12.35 -9.63
CA PHE A 92 4.60 -12.03 -9.88
C PHE A 92 4.97 -12.55 -11.27
N ILE A 93 5.25 -11.64 -12.20
CA ILE A 93 5.55 -12.01 -13.58
C ILE A 93 7.06 -12.22 -13.69
N LEU A 94 7.46 -13.43 -14.04
CA LEU A 94 8.87 -13.72 -14.25
C LEU A 94 9.33 -13.13 -15.58
N PHE A 95 10.46 -12.44 -15.57
CA PHE A 95 10.99 -11.78 -16.75
C PHE A 95 12.36 -12.33 -17.10
N THR A 96 12.60 -12.53 -18.39
CA THR A 96 13.91 -12.99 -18.84
C THR A 96 14.92 -11.86 -18.73
N PRO A 97 16.04 -12.06 -18.05
CA PRO A 97 17.04 -10.99 -17.91
C PRO A 97 17.61 -10.59 -19.26
N GLN A 98 17.94 -9.32 -19.38
CA GLN A 98 18.57 -8.78 -20.58
C GLN A 98 20.08 -8.75 -20.42
N ASN A 99 20.77 -8.41 -21.51
CA ASN A 99 22.23 -8.31 -21.53
C ASN A 99 22.89 -9.61 -21.10
N ASN A 100 22.25 -10.75 -21.40
CA ASN A 100 22.79 -12.08 -21.10
C ASN A 100 23.07 -12.28 -19.62
N HIS A 101 22.26 -11.66 -18.75
CA HIS A 101 22.41 -11.84 -17.32
C HIS A 101 21.81 -13.17 -16.89
N GLN A 102 22.50 -13.85 -15.97
CA GLN A 102 22.07 -15.16 -15.50
C GLN A 102 21.37 -15.02 -14.15
N PRO A 103 20.11 -15.44 -14.03
CA PRO A 103 19.40 -15.27 -12.76
C PRO A 103 20.00 -16.16 -11.68
N MET A 104 20.24 -15.56 -10.51
CA MET A 104 20.72 -16.28 -9.34
C MET A 104 19.60 -16.58 -8.34
N GLY A 105 18.35 -16.33 -8.72
CA GLY A 105 17.23 -16.54 -7.82
C GLY A 105 15.94 -16.04 -8.42
N THR A 106 15.01 -15.67 -7.54
CA THR A 106 13.70 -15.19 -7.97
C THR A 106 13.84 -13.76 -8.50
N CYS A 107 13.69 -13.61 -9.81
CA CYS A 107 13.76 -12.31 -10.48
C CYS A 107 12.41 -12.06 -11.13
N ALA A 108 11.49 -11.44 -10.39
CA ALA A 108 10.13 -11.23 -10.84
C ALA A 108 9.67 -9.82 -10.52
N TYR A 109 8.55 -9.44 -11.13
CA TYR A 109 7.94 -8.14 -10.91
C TYR A 109 6.43 -8.32 -10.82
N ARG A 110 5.79 -7.40 -10.10
CA ARG A 110 4.35 -7.49 -9.89
C ARG A 110 3.75 -6.10 -9.79
N MET A 111 2.55 -5.95 -10.35
CA MET A 111 1.66 -4.81 -10.12
C MET A 111 1.04 -4.82 -8.73
N ASN A 112 0.58 -3.64 -8.33
CA ASN A 112 -0.36 -3.48 -7.22
C ASN A 112 -1.20 -2.25 -7.58
N THR A 113 -2.35 -2.50 -8.22
CA THR A 113 -3.20 -1.41 -8.69
C THR A 113 -3.87 -0.70 -7.53
N ALA A 114 -4.28 -1.46 -6.51
CA ALA A 114 -4.79 -0.83 -5.29
C ALA A 114 -3.72 0.03 -4.63
N LYS A 115 -2.44 -0.32 -4.82
CA LYS A 115 -1.34 0.47 -4.30
C LYS A 115 -0.79 1.46 -5.30
N ASP A 116 -1.12 1.31 -6.59
CA ASP A 116 -0.52 2.10 -7.66
C ASP A 116 1.00 1.98 -7.62
N GLU A 117 1.49 0.75 -7.51
CA GLU A 117 2.92 0.52 -7.35
C GLU A 117 3.35 -0.73 -8.11
N VAL A 118 4.66 -0.88 -8.25
CA VAL A 118 5.27 -2.07 -8.86
C VAL A 118 6.36 -2.55 -7.92
N TRP A 119 6.37 -3.85 -7.62
CA TRP A 119 7.35 -4.45 -6.74
C TRP A 119 8.20 -5.43 -7.54
N ILE A 120 9.52 -5.29 -7.44
CA ILE A 120 10.46 -6.06 -8.25
C ILE A 120 11.52 -6.66 -7.33
N THR A 121 11.77 -7.96 -7.49
CA THR A 121 12.88 -8.63 -6.84
C THR A 121 13.78 -9.25 -7.91
N MET A 122 15.08 -9.26 -7.65
CA MET A 122 16.01 -9.78 -8.65
C MET A 122 17.35 -10.13 -8.00
N LEU A 123 18.05 -11.07 -8.64
CA LEU A 123 19.40 -11.46 -8.22
C LEU A 123 20.05 -12.13 -9.42
N MET A 124 21.05 -11.49 -10.03
CA MET A 124 21.63 -11.98 -11.25
C MET A 124 23.15 -11.90 -11.19
N SER A 125 23.80 -12.66 -12.06
CA SER A 125 25.25 -12.69 -12.21
C SER A 125 25.59 -12.81 -13.67
N GLY A 126 26.83 -12.40 -14.01
CA GLY A 126 27.27 -12.46 -15.38
C GLY A 126 26.62 -11.39 -16.24
N GLY A 127 26.79 -11.55 -17.54
CA GLY A 127 26.22 -10.62 -18.48
C GLY A 127 27.00 -9.31 -18.57
N ASN A 128 26.39 -8.35 -19.27
CA ASN A 128 27.01 -7.05 -19.47
C ASN A 128 26.91 -6.23 -18.18
N TYR A 129 28.07 -5.88 -17.62
CA TYR A 129 28.13 -5.07 -16.40
C TYR A 129 28.42 -3.60 -16.69
N THR A 130 28.33 -3.17 -17.94
CA THR A 130 28.56 -1.78 -18.28
C THR A 130 27.53 -0.89 -17.59
N ASN A 131 27.99 0.27 -17.12
CA ASN A 131 27.08 1.22 -16.49
C ASN A 131 26.04 1.69 -17.49
N GLY A 132 24.78 1.69 -17.08
CA GLY A 132 23.68 2.04 -17.96
C GLY A 132 23.16 0.91 -18.82
N ALA A 133 23.65 -0.30 -18.64
CA ALA A 133 23.14 -1.43 -19.39
C ALA A 133 21.74 -1.80 -18.90
N THR A 134 20.86 -2.13 -19.85
CA THR A 134 19.47 -2.43 -19.52
C THR A 134 19.31 -3.89 -19.15
N VAL A 135 18.68 -4.15 -18.01
CA VAL A 135 18.41 -5.52 -17.57
C VAL A 135 16.93 -5.89 -17.71
N LEU A 136 16.03 -4.91 -17.78
CA LEU A 136 14.61 -5.18 -17.93
C LEU A 136 13.92 -3.94 -18.47
N ASP A 137 13.12 -4.12 -19.52
CA ASP A 137 12.32 -3.06 -20.12
C ASP A 137 10.87 -3.26 -19.70
N LEU A 138 10.41 -2.45 -18.76
CA LEU A 138 9.06 -2.57 -18.25
C LEU A 138 8.05 -2.05 -19.27
N PRO A 139 6.87 -2.67 -19.34
CA PRO A 139 5.80 -2.14 -20.20
C PRO A 139 5.34 -0.76 -19.74
N GLN A 140 4.55 -0.12 -20.60
CA GLN A 140 4.16 1.27 -20.38
C GLN A 140 3.36 1.43 -19.10
N ALA A 141 2.49 0.46 -18.79
CA ALA A 141 1.72 0.53 -17.55
C ALA A 141 2.60 0.49 -16.31
N TYR A 142 3.84 0.03 -16.44
CA TYR A 142 4.78 -0.04 -15.32
C TYR A 142 5.65 1.21 -15.20
N TRP A 143 5.44 2.21 -16.04
CA TRP A 143 6.36 3.34 -16.12
C TRP A 143 6.27 4.21 -14.87
N PRO A 144 7.38 4.45 -14.19
CA PRO A 144 7.37 5.39 -13.05
C PRO A 144 7.08 6.80 -13.51
N PRO A 145 6.58 7.67 -12.62
CA PRO A 145 6.32 9.05 -13.01
C PRO A 145 7.55 9.81 -13.45
N ALA A 146 8.73 9.49 -12.91
CA ALA A 146 9.94 10.23 -13.23
C ALA A 146 11.15 9.34 -13.00
N GLU A 147 12.32 9.91 -13.26
CA GLU A 147 13.57 9.17 -13.09
C GLU A 147 13.81 8.85 -11.62
N LEU A 148 14.43 7.71 -11.36
CA LEU A 148 14.56 7.20 -10.00
C LEU A 148 15.85 6.41 -9.86
N PHE A 149 16.44 6.47 -8.67
CA PHE A 149 17.68 5.78 -8.37
C PHE A 149 17.55 5.08 -7.01
N ILE A 150 18.08 3.85 -6.94
CA ILE A 150 18.03 3.08 -5.69
C ILE A 150 19.36 2.38 -5.50
N PRO A 151 19.74 2.16 -4.23
CA PRO A 151 20.94 1.36 -3.95
C PRO A 151 20.73 -0.09 -4.39
N ALA A 152 21.84 -0.73 -4.76
CA ALA A 152 21.81 -2.12 -5.20
C ALA A 152 22.85 -2.92 -4.45
N TYR A 153 22.52 -4.18 -4.19
CA TYR A 153 23.45 -5.09 -3.55
C TYR A 153 24.42 -5.67 -4.57
N SER A 154 25.70 -5.71 -4.19
CA SER A 154 26.73 -6.32 -5.02
C SER A 154 27.61 -7.21 -4.16
N SER A 155 27.80 -8.46 -4.59
CA SER A 155 28.66 -9.37 -3.85
C SER A 155 30.11 -8.90 -3.82
N ILE A 156 30.52 -8.09 -4.78
CA ILE A 156 31.88 -7.55 -4.85
C ILE A 156 31.81 -6.04 -4.68
N ILE A 157 32.56 -5.52 -3.71
CA ILE A 157 32.68 -4.09 -3.49
C ILE A 157 34.17 -3.76 -3.51
N PRO A 158 34.80 -3.76 -4.67
CA PRO A 158 36.27 -3.64 -4.72
C PRO A 158 36.74 -2.20 -4.63
N ALA A 159 37.94 -2.06 -4.07
CA ALA A 159 38.62 -0.78 -3.98
C ALA A 159 39.92 -0.84 -4.79
N GLN A 160 40.51 0.34 -4.99
CA GLN A 160 41.81 0.45 -5.63
C GLN A 160 42.75 1.18 -4.67
N SER A 161 43.98 0.68 -4.55
CA SER A 161 44.95 1.25 -3.62
C SER A 161 46.22 1.59 -4.39
N THR A 162 46.65 2.84 -4.30
CA THR A 162 47.89 3.30 -4.89
C THR A 162 48.88 3.60 -3.79
N ILE A 163 50.07 3.02 -3.88
CA ILE A 163 51.10 3.15 -2.85
C ILE A 163 52.16 4.12 -3.35
N THR A 164 52.57 5.05 -2.49
CA THR A 164 53.52 6.10 -2.84
C THR A 164 54.74 5.99 -1.95
N TYR A 165 55.92 5.98 -2.57
CA TYR A 165 57.20 5.87 -1.89
C TYR A 165 58.00 7.15 -2.09
N PRO A 166 58.07 8.02 -1.10
CA PRO A 166 58.82 9.28 -1.25
C PRO A 166 60.31 9.02 -1.35
N PRO A 167 61.06 9.92 -1.98
CA PRO A 167 62.52 9.77 -2.04
C PRO A 167 63.15 9.90 -0.67
N PRO A 168 64.34 9.34 -0.46
CA PRO A 168 64.96 9.41 0.88
C PRO A 168 65.16 10.83 1.35
N SER A 169 64.94 11.05 2.65
CA SER A 169 65.11 12.38 3.22
C SER A 169 66.58 12.81 3.16
N ASP A 170 67.50 11.89 3.45
CA ASP A 170 68.93 12.18 3.42
C ASP A 170 69.59 11.31 2.36
N PRO A 171 69.90 11.84 1.18
CA PRO A 171 70.58 11.03 0.15
C PRO A 171 71.96 10.58 0.57
N ASN A 172 72.61 11.26 1.51
CA ASN A 172 73.95 10.90 1.96
C ASN A 172 73.92 9.85 3.07
N ALA A 173 72.74 9.45 3.53
CA ALA A 173 72.62 8.43 4.55
C ALA A 173 73.00 7.07 3.97
N PRO A 174 73.37 6.11 4.83
CA PRO A 174 73.67 4.77 4.33
C PRO A 174 72.47 4.18 3.63
N PRO A 175 72.69 3.30 2.64
CA PRO A 175 71.54 2.77 1.87
C PRO A 175 70.49 2.09 2.73
N LEU A 176 70.90 1.38 3.78
CA LEU A 176 69.93 0.78 4.69
C LEU A 176 69.07 1.85 5.36
N ASP A 177 69.71 2.92 5.83
CA ASP A 177 68.96 4.00 6.49
C ASP A 177 68.03 4.71 5.50
N GLN A 178 68.49 4.94 4.27
CA GLN A 178 67.64 5.57 3.27
C GLN A 178 66.43 4.70 2.94
N VAL A 179 66.65 3.40 2.79
CA VAL A 179 65.55 2.48 2.51
C VAL A 179 64.57 2.46 3.66
N PHE A 180 65.07 2.44 4.89
CA PHE A 180 64.19 2.43 6.06
C PHE A 180 63.39 3.73 6.14
N ASP A 181 64.02 4.86 5.84
CA ASP A 181 63.30 6.13 5.85
C ASP A 181 62.22 6.16 4.79
N VAL A 182 62.53 5.68 3.58
CA VAL A 182 61.53 5.64 2.52
C VAL A 182 60.37 4.73 2.91
N LEU A 183 60.69 3.56 3.48
CA LEU A 183 59.65 2.62 3.89
C LEU A 183 58.77 3.20 4.99
N ASN A 184 59.37 3.84 5.98
CA ASN A 184 58.59 4.41 7.08
C ASN A 184 57.75 5.58 6.63
N ARG A 185 58.18 6.31 5.59
CA ARG A 185 57.43 7.44 5.08
C ARG A 185 56.53 7.06 3.91
N ALA A 186 56.37 5.77 3.63
CA ALA A 186 55.49 5.33 2.56
C ALA A 186 54.03 5.63 2.91
N THR A 187 53.22 5.84 1.87
CA THR A 187 51.82 6.16 2.05
C THR A 187 50.97 5.28 1.14
N ILE A 188 49.70 5.13 1.51
CA ILE A 188 48.73 4.37 0.74
C ILE A 188 47.47 5.22 0.59
N GLN A 189 46.96 5.31 -0.64
CA GLN A 189 45.74 6.06 -0.93
C GLN A 189 44.71 5.10 -1.54
N THR A 190 43.52 5.07 -0.94
CA THR A 190 42.45 4.19 -1.41
C THR A 190 41.52 4.97 -2.32
N GLY A 191 41.22 4.40 -3.49
CA GLY A 191 40.40 5.09 -4.46
C GLY A 191 38.91 5.05 -4.14
N VAL A 192 38.15 5.75 -4.97
CA VAL A 192 36.70 5.83 -4.80
C VAL A 192 36.06 4.52 -5.24
N VAL A 193 35.16 4.00 -4.40
CA VAL A 193 34.43 2.77 -4.71
C VAL A 193 33.01 3.16 -5.10
N ASN A 194 32.60 2.77 -6.30
CA ASN A 194 31.27 3.08 -6.81
C ASN A 194 30.28 2.05 -6.28
N GLN A 195 29.36 2.49 -5.42
CA GLN A 195 28.35 1.60 -4.88
C GLN A 195 27.40 1.16 -5.98
N ALA A 196 27.02 -0.12 -5.94
CA ALA A 196 26.08 -0.65 -6.92
C ALA A 196 24.72 0.02 -6.78
N MET A 197 24.13 0.42 -7.90
CA MET A 197 22.86 1.11 -7.87
C MET A 197 22.07 0.78 -9.14
N PHE A 198 20.75 0.82 -8.99
CA PHE A 198 19.81 0.62 -10.09
C PHE A 198 19.10 1.93 -10.40
N LYS A 199 19.08 2.30 -11.68
CA LYS A 199 18.41 3.50 -12.14
C LYS A 199 17.25 3.11 -13.05
N ILE A 200 16.05 3.57 -12.70
CA ILE A 200 14.85 3.30 -13.50
C ILE A 200 14.35 4.63 -14.06
N THR A 201 14.15 4.67 -15.37
CA THR A 201 13.77 5.89 -16.05
C THR A 201 12.25 5.96 -16.22
N ALA A 202 11.78 7.04 -16.85
CA ALA A 202 10.34 7.23 -17.04
C ALA A 202 9.76 6.27 -18.08
N ASN A 203 10.60 5.62 -18.88
CA ASN A 203 10.14 4.68 -19.89
C ASN A 203 10.32 3.23 -19.46
N GLY A 204 10.52 2.98 -18.17
CA GLY A 204 10.58 1.63 -17.65
C GLY A 204 11.76 0.81 -18.11
N ARG A 205 12.97 1.38 -18.11
CA ARG A 205 14.20 0.66 -18.40
C ARG A 205 15.06 0.64 -17.15
N VAL A 206 15.42 -0.55 -16.69
CA VAL A 206 16.24 -0.71 -15.50
C VAL A 206 17.70 -0.78 -15.92
N LEU A 207 18.53 0.09 -15.35
CA LEU A 207 19.92 0.21 -15.70
C LEU A 207 20.78 -0.01 -14.46
N ILE A 208 21.94 -0.63 -14.67
CA ILE A 208 22.88 -0.91 -13.59
C ILE A 208 24.02 0.10 -13.66
N GLN A 209 24.51 0.52 -12.50
CA GLN A 209 25.68 1.39 -12.46
C GLN A 209 26.47 1.13 -11.21
N GLY A 210 27.80 1.12 -11.35
CA GLY A 210 28.68 0.84 -10.23
C GLY A 210 28.83 -0.62 -9.87
N ILE A 211 28.23 -1.52 -10.64
CA ILE A 211 28.29 -2.96 -10.36
C ILE A 211 29.55 -3.51 -11.02
N PRO A 212 30.45 -4.13 -10.27
CA PRO A 212 31.68 -4.67 -10.88
C PRO A 212 31.39 -5.86 -11.78
N GLN A 213 32.27 -6.07 -12.75
CA GLN A 213 32.17 -7.21 -13.64
C GLN A 213 32.31 -8.51 -12.84
N GLY A 214 31.43 -9.46 -13.10
CA GLY A 214 31.44 -10.73 -12.40
C GLY A 214 30.88 -10.71 -11.00
N ALA A 215 30.28 -9.62 -10.57
CA ALA A 215 29.74 -9.50 -9.22
C ALA A 215 28.28 -9.91 -9.19
N VAL A 216 27.94 -10.74 -8.19
CA VAL A 216 26.55 -11.16 -7.99
C VAL A 216 25.77 -9.94 -7.51
N PHE A 217 24.92 -9.39 -8.36
CA PHE A 217 24.20 -8.16 -8.06
C PHE A 217 22.72 -8.46 -7.91
N GLY A 218 22.12 -7.97 -6.82
CA GLY A 218 20.74 -8.27 -6.56
C GLY A 218 20.08 -7.16 -5.76
N GLY A 219 18.81 -7.39 -5.46
CA GLY A 219 18.04 -6.44 -4.68
C GLY A 219 16.56 -6.65 -4.86
N THR A 220 15.80 -6.24 -3.84
CA THR A 220 14.35 -6.29 -3.85
C THR A 220 13.83 -4.93 -3.42
N PHE A 221 12.81 -4.43 -4.13
CA PHE A 221 12.34 -3.07 -3.91
C PHE A 221 10.94 -2.94 -4.48
N THR A 222 10.35 -1.77 -4.26
CA THR A 222 9.05 -1.44 -4.84
C THR A 222 8.98 0.08 -4.99
N PHE A 223 8.30 0.51 -6.04
CA PHE A 223 8.20 1.93 -6.35
C PHE A 223 6.78 2.27 -6.76
N PRO A 224 6.30 3.46 -6.40
CA PRO A 224 4.96 3.89 -6.83
C PRO A 224 4.90 4.11 -8.33
N LEU A 225 3.72 3.90 -8.87
CA LEU A 225 3.45 4.13 -10.28
C LEU A 225 3.06 5.59 -10.49
N VAL A 226 2.65 5.91 -11.73
CA VAL A 226 2.11 7.23 -12.01
C VAL A 226 0.74 7.37 -11.34
N VAL A 227 0.25 8.60 -11.25
CA VAL A 227 -1.08 8.84 -10.72
C VAL A 227 -2.08 8.13 -11.64
N THR A 228 -3.13 7.55 -11.05
CA THR A 228 -4.04 6.70 -11.79
C THR A 228 -5.44 7.33 -11.85
N PRO A 229 -5.72 8.13 -12.88
CA PRO A 229 -7.05 8.75 -13.05
C PRO A 229 -8.07 7.76 -13.59
N SER B 2 -42.86 -8.46 -6.66
CA SER B 2 -44.07 -8.01 -5.97
C SER B 2 -45.27 -7.98 -6.91
N GLN B 3 -46.41 -8.46 -6.42
CA GLN B 3 -47.63 -8.48 -7.23
C GLN B 3 -48.15 -7.07 -7.42
N LYS B 4 -48.67 -6.78 -8.61
CA LYS B 4 -49.24 -5.47 -8.91
C LYS B 4 -50.75 -5.53 -8.74
N TYR B 5 -51.30 -4.54 -8.04
CA TYR B 5 -52.73 -4.47 -7.78
C TYR B 5 -53.42 -3.71 -8.90
N SER B 6 -54.44 -4.32 -9.49
CA SER B 6 -55.24 -3.68 -10.53
C SER B 6 -56.65 -3.44 -9.99
N PRO B 7 -57.11 -2.19 -9.92
CA PRO B 7 -58.47 -1.94 -9.43
C PRO B 7 -59.52 -2.60 -10.31
N SER B 8 -60.59 -3.07 -9.68
CA SER B 8 -61.64 -3.81 -10.37
C SER B 8 -62.90 -2.97 -10.47
N ILE B 9 -63.69 -3.26 -11.50
CA ILE B 9 -64.95 -2.54 -11.75
C ILE B 9 -65.97 -2.92 -10.69
N PRO B 10 -66.64 -1.95 -10.08
CA PRO B 10 -67.67 -2.27 -9.07
C PRO B 10 -68.89 -2.90 -9.71
N PRO B 11 -69.74 -3.55 -8.92
CA PRO B 11 -70.98 -4.12 -9.49
C PRO B 11 -71.92 -3.04 -10.00
N GLN B 12 -73.00 -3.48 -10.65
CA GLN B 12 -73.90 -2.58 -11.35
C GLN B 12 -74.94 -1.94 -10.45
N GLU B 13 -75.26 -2.55 -9.31
CA GLU B 13 -76.30 -2.02 -8.43
C GLU B 13 -75.80 -2.04 -6.99
N GLU B 14 -76.35 -1.13 -6.17
CA GLU B 14 -75.86 -0.89 -4.82
C GLU B 14 -76.06 -2.08 -3.89
N GLU B 15 -77.01 -2.96 -4.21
CA GLU B 15 -77.35 -4.07 -3.33
C GLU B 15 -76.19 -5.05 -3.14
N GLU B 16 -75.34 -5.21 -4.16
CA GLU B 16 -74.26 -6.18 -4.10
C GLU B 16 -72.90 -5.53 -3.80
N LEU B 17 -72.89 -4.48 -2.99
CA LEU B 17 -71.65 -3.72 -2.78
C LEU B 17 -70.80 -4.33 -1.65
N LEU B 18 -71.39 -5.18 -0.83
CA LEU B 18 -70.68 -5.67 0.35
C LEU B 18 -69.58 -6.67 -0.02
N PRO B 19 -69.89 -7.78 -0.73
CA PRO B 19 -68.82 -8.73 -1.07
C PRO B 19 -67.72 -8.11 -1.92
N PHE B 20 -68.10 -7.18 -2.80
CA PHE B 20 -67.12 -6.51 -3.65
C PHE B 20 -66.12 -5.72 -2.82
N LEU B 21 -66.61 -4.97 -1.82
CA LEU B 21 -65.71 -4.25 -0.92
C LEU B 21 -64.81 -5.23 -0.19
N ASN B 22 -65.37 -6.34 0.28
CA ASN B 22 -64.57 -7.35 0.97
C ASN B 22 -63.39 -7.79 0.12
N GLU B 23 -63.66 -8.21 -1.12
CA GLU B 23 -62.62 -8.76 -1.97
C GLU B 23 -61.57 -7.71 -2.33
N GLU B 24 -62.02 -6.53 -2.76
CA GLU B 24 -61.07 -5.51 -3.19
C GLU B 24 -60.22 -5.03 -2.01
N PHE B 25 -60.83 -4.89 -0.84
CA PHE B 25 -60.08 -4.40 0.32
C PHE B 25 -59.10 -5.46 0.83
N VAL B 26 -59.48 -6.74 0.83
CA VAL B 26 -58.50 -7.74 1.23
C VAL B 26 -57.37 -7.83 0.22
N ARG B 27 -57.67 -7.64 -1.06
CA ARG B 27 -56.60 -7.61 -2.07
C ARG B 27 -55.62 -6.47 -1.81
N VAL B 28 -56.14 -5.25 -1.61
CA VAL B 28 -55.24 -4.11 -1.39
C VAL B 28 -54.50 -4.26 -0.08
N GLY B 29 -55.14 -4.84 0.95
CA GLY B 29 -54.45 -5.06 2.21
C GLY B 29 -53.32 -6.06 2.08
N GLN B 30 -53.55 -7.15 1.33
CA GLN B 30 -52.49 -8.12 1.10
C GLN B 30 -51.33 -7.48 0.37
N THR B 31 -51.61 -6.68 -0.66
CA THR B 31 -50.54 -6.01 -1.39
C THR B 31 -49.77 -5.05 -0.48
N LEU B 32 -50.50 -4.25 0.30
CA LEU B 32 -49.86 -3.28 1.17
C LEU B 32 -48.99 -3.95 2.22
N ASN B 33 -49.45 -5.06 2.80
CA ASN B 33 -48.64 -5.77 3.78
C ASN B 33 -47.43 -6.43 3.13
N ASP B 34 -47.62 -7.07 1.97
CA ASP B 34 -46.51 -7.72 1.29
C ASP B 34 -45.47 -6.71 0.84
N LEU B 35 -45.86 -5.44 0.72
CA LEU B 35 -44.87 -4.42 0.38
C LEU B 35 -44.26 -3.80 1.63
N ALA B 36 -45.07 -3.62 2.69
CA ALA B 36 -44.59 -2.95 3.89
C ALA B 36 -43.75 -3.86 4.77
N ASP B 37 -43.80 -5.17 4.58
CA ASP B 37 -42.90 -6.05 5.33
C ASP B 37 -41.44 -5.87 4.93
N GLY B 38 -41.18 -5.17 3.83
CA GLY B 38 -39.83 -5.02 3.32
C GLY B 38 -39.52 -5.88 2.12
N TYR B 39 -40.51 -6.17 1.28
CA TYR B 39 -40.35 -7.05 0.12
C TYR B 39 -40.53 -6.21 -1.15
N TRP B 40 -39.41 -5.74 -1.70
CA TRP B 40 -39.45 -5.04 -2.98
C TRP B 40 -39.81 -5.97 -4.13
N GLY B 41 -39.68 -7.27 -3.93
CA GLY B 41 -39.92 -8.25 -4.98
C GLY B 41 -38.67 -9.05 -5.29
N VAL B 42 -38.81 -9.93 -6.27
CA VAL B 42 -37.70 -10.76 -6.70
C VAL B 42 -37.05 -10.13 -7.93
N SER B 43 -35.72 -10.09 -7.95
CA SER B 43 -35.01 -9.57 -9.11
C SER B 43 -35.41 -10.34 -10.36
N MET B 44 -35.71 -9.62 -11.43
CA MET B 44 -36.32 -10.20 -12.62
C MET B 44 -35.58 -9.69 -13.85
N GLU B 45 -36.16 -9.94 -15.03
CA GLU B 45 -35.64 -9.53 -16.31
C GLU B 45 -35.44 -8.02 -16.36
N PRO B 46 -34.68 -7.49 -17.33
CA PRO B 46 -34.27 -6.09 -17.25
C PRO B 46 -35.46 -5.16 -17.23
N PRO B 47 -35.33 -3.99 -16.60
CA PRO B 47 -36.47 -3.08 -16.44
C PRO B 47 -36.87 -2.35 -17.72
N LYS B 48 -37.79 -1.39 -17.57
CA LYS B 48 -38.43 -0.70 -18.68
C LYS B 48 -37.97 0.76 -18.64
N LYS B 49 -38.62 1.64 -19.41
CA LYS B 49 -38.15 2.99 -19.72
C LYS B 49 -37.42 3.65 -18.56
N LEU B 50 -36.23 4.17 -18.87
CA LEU B 50 -35.37 4.77 -17.86
C LEU B 50 -35.87 6.16 -17.47
N LYS B 51 -35.82 6.45 -16.18
CA LYS B 51 -36.13 7.79 -15.68
C LYS B 51 -35.48 8.00 -14.31
N PRO B 52 -34.86 9.15 -14.07
CA PRO B 52 -34.22 9.40 -12.78
C PRO B 52 -35.26 9.43 -11.67
N GLY B 53 -35.03 8.63 -10.62
CA GLY B 53 -35.95 8.56 -9.51
C GLY B 53 -36.31 7.15 -9.10
N THR B 54 -36.37 6.25 -10.08
CA THR B 54 -36.61 4.83 -9.84
C THR B 54 -35.32 4.07 -10.13
N VAL B 55 -34.91 3.20 -9.21
CA VAL B 55 -33.71 2.41 -9.41
C VAL B 55 -33.95 0.98 -8.93
N LYS B 56 -34.21 0.08 -9.88
CA LYS B 56 -34.49 -1.31 -9.55
C LYS B 56 -33.19 -2.08 -9.34
N TYR B 57 -33.14 -2.81 -8.24
CA TYR B 57 -32.01 -3.69 -7.93
C TYR B 57 -32.03 -4.90 -8.87
N PHE B 58 -30.93 -5.66 -8.85
CA PHE B 58 -30.78 -6.74 -9.82
C PHE B 58 -30.01 -7.91 -9.19
N ALA B 59 -30.11 -9.05 -9.89
CA ALA B 59 -29.50 -10.34 -9.65
C ALA B 59 -28.10 -10.36 -10.27
N PRO B 60 -27.35 -11.46 -10.22
CA PRO B 60 -26.03 -11.45 -10.89
C PRO B 60 -26.13 -11.30 -12.40
N GLY B 61 -25.05 -10.75 -12.98
CA GLY B 61 -24.79 -10.84 -14.41
C GLY B 61 -25.25 -9.73 -15.34
N VAL B 62 -26.54 -9.63 -15.62
CA VAL B 62 -26.99 -8.89 -16.80
C VAL B 62 -26.81 -7.38 -16.59
N VAL B 63 -27.52 -6.81 -15.62
CA VAL B 63 -27.38 -5.39 -15.36
C VAL B 63 -26.02 -5.09 -14.73
N GLY B 64 -25.58 -5.95 -13.81
CA GLY B 64 -24.29 -5.82 -13.20
C GLY B 64 -23.69 -7.17 -12.88
N PRO B 65 -22.37 -7.26 -12.82
CA PRO B 65 -21.72 -8.57 -12.56
C PRO B 65 -22.17 -9.23 -11.27
N VAL B 66 -22.41 -8.45 -10.22
CA VAL B 66 -22.75 -9.00 -8.92
C VAL B 66 -24.22 -8.70 -8.62
N SER B 67 -24.78 -9.38 -7.63
CA SER B 67 -26.12 -9.09 -7.16
C SER B 67 -26.14 -7.73 -6.47
N GLY B 68 -27.33 -7.31 -6.05
CA GLY B 68 -27.41 -6.13 -5.22
C GLY B 68 -28.40 -5.09 -5.69
N ILE B 69 -28.23 -3.85 -5.26
CA ILE B 69 -29.18 -2.77 -5.54
C ILE B 69 -28.49 -1.78 -6.47
N TYR B 70 -28.62 -2.00 -7.77
CA TYR B 70 -28.06 -1.09 -8.75
C TYR B 70 -28.94 0.15 -8.87
N HIS B 71 -28.31 1.28 -9.15
CA HIS B 71 -29.03 2.56 -9.17
C HIS B 71 -28.42 3.44 -10.25
N TYR B 72 -29.23 3.83 -11.22
CA TYR B 72 -28.73 4.69 -12.29
C TYR B 72 -28.98 6.15 -11.92
N ASP B 73 -28.69 7.04 -12.86
CA ASP B 73 -28.68 8.48 -12.60
C ASP B 73 -28.93 9.20 -13.92
N LEU B 74 -28.64 10.51 -13.94
CA LEU B 74 -28.83 11.28 -15.17
C LEU B 74 -28.00 10.72 -16.32
N ASP B 75 -26.76 10.35 -16.04
CA ASP B 75 -25.91 9.73 -17.06
C ASP B 75 -26.40 8.33 -17.41
N ASN B 76 -27.18 7.70 -16.52
CA ASN B 76 -27.83 6.41 -16.79
C ASN B 76 -26.81 5.29 -16.97
N GLN B 77 -25.76 5.29 -16.16
CA GLN B 77 -24.75 4.23 -16.25
C GLN B 77 -25.02 3.06 -15.31
N TRP B 78 -26.11 3.10 -14.54
CA TRP B 78 -26.50 2.01 -13.64
C TRP B 78 -25.37 1.71 -12.63
N ARG B 79 -25.11 2.70 -11.78
CA ARG B 79 -24.08 2.60 -10.77
C ARG B 79 -24.30 1.39 -9.88
N LEU B 80 -23.20 0.77 -9.47
CA LEU B 80 -23.21 -0.40 -8.60
C LEU B 80 -23.87 -0.07 -7.27
N ALA B 81 -24.23 -1.11 -6.52
CA ALA B 81 -24.87 -0.95 -5.23
C ALA B 81 -23.94 -0.25 -4.25
N GLY B 82 -24.22 1.02 -3.96
CA GLY B 82 -23.31 1.82 -3.18
C GLY B 82 -22.31 2.50 -4.09
N THR B 83 -22.31 3.83 -4.12
CA THR B 83 -21.45 4.58 -5.03
C THR B 83 -20.34 5.28 -4.27
N LYS B 84 -19.16 5.31 -4.89
CA LYS B 84 -17.99 6.00 -4.38
C LYS B 84 -17.17 6.48 -5.57
N PRO B 85 -16.87 7.78 -5.67
CA PRO B 85 -16.17 8.28 -6.85
C PRO B 85 -14.81 7.62 -7.06
N LYS B 86 -13.90 7.79 -6.09
CA LYS B 86 -12.59 7.15 -6.11
C LYS B 86 -11.81 7.60 -4.89
N ASP B 87 -10.62 7.00 -4.71
CA ASP B 87 -9.62 7.51 -3.79
C ASP B 87 -8.29 7.61 -4.53
N LEU B 88 -7.45 8.55 -4.11
CA LEU B 88 -6.19 8.79 -4.80
C LEU B 88 -5.19 9.45 -3.85
N PRO B 89 -3.91 9.06 -3.91
CA PRO B 89 -2.90 9.73 -3.08
C PRO B 89 -2.55 11.12 -3.58
N GLY B 90 -1.58 11.77 -2.93
CA GLY B 90 -1.18 13.11 -3.28
C GLY B 90 -0.14 13.15 -4.39
N ASP B 91 0.46 14.31 -4.55
CA ASP B 91 1.49 14.54 -5.56
C ASP B 91 2.87 14.61 -4.91
N PHE B 92 3.89 14.41 -5.72
CA PHE B 92 5.28 14.44 -5.26
C PHE B 92 5.68 15.88 -5.00
N ILE B 93 5.90 16.23 -3.74
CA ILE B 93 6.23 17.59 -3.35
C ILE B 93 7.75 17.76 -3.41
N LEU B 94 8.21 18.66 -4.27
CA LEU B 94 9.63 18.95 -4.37
C LEU B 94 10.06 19.80 -3.17
N PHE B 95 11.16 19.42 -2.54
CA PHE B 95 11.65 20.10 -1.35
C PHE B 95 13.06 20.63 -1.59
N THR B 96 13.30 21.85 -1.11
CA THR B 96 14.63 22.43 -1.23
C THR B 96 15.59 21.74 -0.27
N PRO B 97 16.72 21.23 -0.74
CA PRO B 97 17.66 20.55 0.16
C PRO B 97 18.23 21.51 1.19
N GLN B 98 18.48 20.96 2.38
CA GLN B 98 19.09 21.71 3.48
C GLN B 98 20.60 21.51 3.47
N ASN B 99 21.27 22.27 4.35
CA ASN B 99 22.73 22.21 4.49
C ASN B 99 23.45 22.48 3.18
N ASN B 100 22.86 23.31 2.33
CA ASN B 100 23.46 23.72 1.05
C ASN B 100 23.75 22.52 0.15
N HIS B 101 22.91 21.48 0.22
CA HIS B 101 23.07 20.32 -0.65
C HIS B 101 22.53 20.63 -2.04
N GLN B 102 23.25 20.17 -3.07
CA GLN B 102 22.88 20.42 -4.45
C GLN B 102 22.18 19.20 -5.02
N PRO B 103 20.94 19.34 -5.50
CA PRO B 103 20.22 18.17 -6.03
C PRO B 103 20.86 17.66 -7.31
N MET B 104 21.07 16.35 -7.37
CA MET B 104 21.57 15.68 -8.56
C MET B 104 20.48 15.00 -9.37
N GLY B 105 19.22 15.24 -9.01
CA GLY B 105 18.11 14.59 -9.69
C GLY B 105 16.79 14.90 -9.00
N THR B 106 15.85 13.97 -9.16
CA THR B 106 14.51 14.12 -8.59
C THR B 106 14.58 13.88 -7.09
N CYS B 107 14.43 14.93 -6.30
CA CYS B 107 14.44 14.86 -4.84
C CYS B 107 13.07 15.33 -4.36
N ALA B 108 12.14 14.40 -4.22
CA ALA B 108 10.76 14.73 -3.87
C ALA B 108 10.24 13.76 -2.83
N TYR B 109 9.10 14.12 -2.24
CA TYR B 109 8.43 13.29 -1.25
C TYR B 109 6.93 13.34 -1.51
N ARG B 110 6.24 12.28 -1.10
CA ARG B 110 4.81 12.17 -1.35
C ARG B 110 4.14 11.41 -0.21
N MET B 111 2.93 11.84 0.14
CA MET B 111 2.00 11.10 0.97
C MET B 111 1.38 9.91 0.25
N ASN B 112 0.86 8.98 1.05
CA ASN B 112 -0.09 7.98 0.60
C ASN B 112 -0.98 7.69 1.80
N THR B 113 -2.12 8.41 1.86
CA THR B 113 -3.02 8.28 3.00
C THR B 113 -3.73 6.95 3.00
N ALA B 114 -4.10 6.44 1.83
CA ALA B 114 -4.64 5.09 1.74
C ALA B 114 -3.62 4.06 2.19
N LYS B 115 -2.33 4.36 2.04
CA LYS B 115 -1.27 3.49 2.50
C LYS B 115 -0.76 3.85 3.89
N ASP B 116 -1.08 5.05 4.39
CA ASP B 116 -0.51 5.57 5.63
C ASP B 116 1.02 5.56 5.57
N GLU B 117 1.56 6.07 4.46
CA GLU B 117 3.00 6.01 4.25
C GLU B 117 3.49 7.27 3.57
N VAL B 118 4.80 7.45 3.56
CA VAL B 118 5.46 8.54 2.85
C VAL B 118 6.58 7.95 2.02
N TRP B 119 6.65 8.34 0.75
CA TRP B 119 7.66 7.85 -0.18
C TRP B 119 8.55 9.00 -0.59
N ILE B 120 9.87 8.82 -0.46
CA ILE B 120 10.85 9.87 -0.68
C ILE B 120 11.93 9.36 -1.62
N THR B 121 12.24 10.15 -2.66
CA THR B 121 13.38 9.89 -3.52
C THR B 121 14.30 11.10 -3.49
N MET B 122 15.61 10.85 -3.56
CA MET B 122 16.57 11.96 -3.49
C MET B 122 17.91 11.53 -4.06
N LEU B 123 18.66 12.54 -4.52
CA LEU B 123 20.03 12.35 -5.00
C LEU B 123 20.70 13.70 -4.96
N MET B 124 21.67 13.88 -4.06
CA MET B 124 22.29 15.17 -3.85
C MET B 124 23.80 15.03 -3.75
N SER B 125 24.48 16.16 -3.95
CA SER B 125 25.93 16.25 -3.84
C SER B 125 26.29 17.57 -3.18
N GLY B 126 27.49 17.63 -2.63
CA GLY B 126 27.95 18.83 -1.97
C GLY B 126 27.24 19.06 -0.64
N GLY B 127 27.43 20.26 -0.12
CA GLY B 127 26.82 20.63 1.14
C GLY B 127 27.54 20.04 2.34
N ASN B 128 26.89 20.17 3.50
CA ASN B 128 27.44 19.67 4.75
C ASN B 128 27.30 18.15 4.81
N TYR B 129 28.44 17.46 4.88
CA TYR B 129 28.46 16.01 4.96
C TYR B 129 28.69 15.50 6.38
N THR B 130 28.57 16.38 7.38
CA THR B 130 28.74 15.97 8.77
C THR B 130 27.67 14.95 9.15
N ASN B 131 28.07 13.95 9.94
CA ASN B 131 27.11 12.96 10.40
C ASN B 131 26.05 13.60 11.28
N GLY B 132 24.78 13.28 11.01
CA GLY B 132 23.68 13.89 11.71
C GLY B 132 23.21 15.22 11.16
N ALA B 133 23.77 15.66 10.02
CA ALA B 133 23.30 16.90 9.40
C ALA B 133 21.93 16.69 8.78
N THR B 134 21.06 17.70 8.94
CA THR B 134 19.69 17.60 8.46
C THR B 134 19.60 18.01 7.01
N VAL B 135 18.98 17.17 6.19
CA VAL B 135 18.77 17.49 4.78
C VAL B 135 17.32 17.82 4.47
N LEU B 136 16.38 17.42 5.31
CA LEU B 136 14.96 17.72 5.09
C LEU B 136 14.21 17.58 6.41
N ASP B 137 13.43 18.59 6.74
CA ASP B 137 12.58 18.60 7.93
C ASP B 137 11.14 18.38 7.49
N LEU B 138 10.64 17.17 7.70
CA LEU B 138 9.29 16.83 7.28
C LEU B 138 8.26 17.48 8.21
N PRO B 139 7.11 17.88 7.67
CA PRO B 139 6.03 18.38 8.51
C PRO B 139 5.50 17.31 9.45
N GLN B 140 4.68 17.75 10.41
CA GLN B 140 4.22 16.87 11.47
C GLN B 140 3.42 15.70 10.94
N ALA B 141 2.60 15.94 9.91
CA ALA B 141 1.82 14.86 9.33
C ALA B 141 2.70 13.78 8.70
N TYR B 142 3.96 14.09 8.42
CA TYR B 142 4.89 13.13 7.84
C TYR B 142 5.71 12.39 8.88
N TRP B 143 5.45 12.62 10.17
CA TRP B 143 6.31 12.09 11.22
C TRP B 143 6.19 10.58 11.33
N PRO B 144 7.28 9.83 11.25
CA PRO B 144 7.22 8.38 11.48
C PRO B 144 6.86 8.08 12.93
N PRO B 145 6.32 6.90 13.21
CA PRO B 145 5.99 6.54 14.60
C PRO B 145 7.20 6.51 15.53
N ALA B 146 8.38 6.17 15.02
CA ALA B 146 9.56 6.06 15.87
C ALA B 146 10.80 6.27 15.03
N GLU B 147 11.95 6.18 15.69
CA GLU B 147 13.24 6.36 15.03
C GLU B 147 13.48 5.25 14.02
N LEU B 148 14.15 5.58 12.93
CA LEU B 148 14.30 4.66 11.82
C LEU B 148 15.64 4.90 11.11
N PHE B 149 16.22 3.82 10.60
CA PHE B 149 17.49 3.88 9.89
C PHE B 149 17.39 3.07 8.61
N ILE B 150 17.97 3.60 7.53
CA ILE B 150 17.97 2.91 6.24
C ILE B 150 19.33 3.05 5.58
N PRO B 151 19.72 2.06 4.79
CA PRO B 151 20.95 2.19 3.99
C PRO B 151 20.81 3.30 2.96
N ALA B 152 21.94 3.91 2.62
CA ALA B 152 21.98 4.99 1.66
C ALA B 152 23.06 4.72 0.62
N TYR B 153 22.79 5.14 -0.62
CA TYR B 153 23.76 5.01 -1.69
C TYR B 153 24.76 6.15 -1.63
N SER B 154 26.04 5.81 -1.81
CA SER B 154 27.10 6.82 -1.88
C SER B 154 28.02 6.48 -3.04
N SER B 155 28.27 7.48 -3.90
CA SER B 155 29.17 7.27 -5.02
C SER B 155 30.60 6.98 -4.57
N ILE B 156 30.98 7.40 -3.37
CA ILE B 156 32.30 7.16 -2.82
C ILE B 156 32.17 6.25 -1.60
N ILE B 157 32.89 5.13 -1.61
CA ILE B 157 32.94 4.22 -0.48
C ILE B 157 34.41 4.03 -0.13
N PRO B 158 35.05 5.02 0.49
CA PRO B 158 36.50 4.98 0.67
C PRO B 158 36.90 4.16 1.88
N ALA B 159 38.10 3.58 1.78
CA ALA B 159 38.72 2.84 2.87
C ALA B 159 40.01 3.53 3.27
N GLN B 160 40.56 3.11 4.41
CA GLN B 160 41.85 3.56 4.88
C GLN B 160 42.75 2.35 5.07
N SER B 161 44.00 2.46 4.64
CA SER B 161 44.95 1.36 4.70
C SER B 161 46.19 1.83 5.43
N THR B 162 46.56 1.10 6.48
CA THR B 162 47.78 1.35 7.23
C THR B 162 48.76 0.21 6.97
N ILE B 163 49.97 0.56 6.56
CA ILE B 163 50.99 -0.42 6.20
C ILE B 163 52.00 -0.49 7.33
N THR B 164 52.37 -1.72 7.72
CA THR B 164 53.26 -1.97 8.83
C THR B 164 54.50 -2.72 8.35
N TYR B 165 55.67 -2.20 8.70
CA TYR B 165 56.96 -2.77 8.31
C TYR B 165 57.70 -3.25 9.55
N PRO B 166 57.72 -4.55 9.81
CA PRO B 166 58.42 -5.06 11.01
C PRO B 166 59.91 -4.89 10.89
N PRO B 167 60.62 -4.81 12.01
CA PRO B 167 62.08 -4.72 11.97
C PRO B 167 62.70 -6.00 11.42
N PRO B 168 63.92 -5.93 10.89
CA PRO B 168 64.54 -7.12 10.29
C PRO B 168 64.66 -8.25 11.30
N SER B 169 64.43 -9.48 10.82
CA SER B 169 64.54 -10.64 11.68
C SER B 169 65.98 -10.85 12.15
N ASP B 170 66.95 -10.66 11.26
CA ASP B 170 68.36 -10.81 11.58
C ASP B 170 69.06 -9.48 11.38
N PRO B 171 69.34 -8.73 12.46
CA PRO B 171 70.06 -7.46 12.29
C PRO B 171 71.48 -7.62 11.74
N ASN B 172 72.09 -8.79 11.90
CA ASN B 172 73.44 -9.03 11.40
C ASN B 172 73.45 -9.48 9.94
N ALA B 173 72.29 -9.64 9.32
CA ALA B 173 72.24 -10.01 7.92
C ALA B 173 72.68 -8.84 7.04
N PRO B 174 73.08 -9.11 5.81
CA PRO B 174 73.44 -8.01 4.90
C PRO B 174 72.27 -7.09 4.69
N PRO B 175 72.53 -5.79 4.44
CA PRO B 175 71.42 -4.84 4.32
C PRO B 175 70.40 -5.21 3.27
N LEU B 176 70.84 -5.77 2.14
CA LEU B 176 69.89 -6.23 1.13
C LEU B 176 68.99 -7.32 1.68
N ASP B 177 69.58 -8.29 2.39
CA ASP B 177 68.78 -9.37 2.97
C ASP B 177 67.82 -8.85 4.03
N GLN B 178 68.27 -7.92 4.88
CA GLN B 178 67.39 -7.35 5.89
C GLN B 178 66.23 -6.60 5.25
N VAL B 179 66.51 -5.81 4.21
CA VAL B 179 65.45 -5.08 3.52
C VAL B 179 64.46 -6.05 2.89
N PHE B 180 64.98 -7.11 2.26
CA PHE B 180 64.09 -8.10 1.64
C PHE B 180 63.23 -8.80 2.68
N ASP B 181 63.80 -9.12 3.84
CA ASP B 181 63.03 -9.75 4.91
C ASP B 181 61.94 -8.81 5.43
N VAL B 182 62.27 -7.54 5.62
CA VAL B 182 61.28 -6.57 6.07
C VAL B 182 60.17 -6.43 5.05
N LEU B 183 60.53 -6.35 3.77
CA LEU B 183 59.54 -6.19 2.71
C LEU B 183 58.63 -7.42 2.62
N ASN B 184 59.20 -8.62 2.71
CA ASN B 184 58.40 -9.83 2.61
C ASN B 184 57.50 -10.01 3.82
N ARG B 185 57.90 -9.49 4.97
CA ARG B 185 57.10 -9.59 6.19
C ARG B 185 56.21 -8.37 6.41
N ALA B 186 56.12 -7.47 5.43
CA ALA B 186 55.26 -6.30 5.55
C ALA B 186 53.79 -6.72 5.57
N THR B 187 52.98 -5.91 6.24
CA THR B 187 51.55 -6.18 6.39
C THR B 187 50.75 -4.93 6.04
N ILE B 188 49.49 -5.15 5.67
CA ILE B 188 48.56 -4.07 5.37
C ILE B 188 47.26 -4.33 6.12
N GLN B 189 46.75 -3.32 6.80
CA GLN B 189 45.50 -3.40 7.53
C GLN B 189 44.52 -2.38 6.97
N THR B 190 43.33 -2.84 6.60
CA THR B 190 42.30 -1.97 6.03
C THR B 190 41.33 -1.55 7.12
N GLY B 191 41.06 -0.25 7.21
CA GLY B 191 40.21 0.28 8.24
C GLY B 191 38.72 0.06 8.00
N VAL B 192 37.93 0.45 8.99
CA VAL B 192 36.49 0.29 8.91
C VAL B 192 35.91 1.34 7.98
N VAL B 193 35.05 0.90 7.07
CA VAL B 193 34.36 1.79 6.14
C VAL B 193 32.93 1.97 6.61
N ASN B 194 32.54 3.22 6.85
CA ASN B 194 31.19 3.54 7.33
C ASN B 194 30.25 3.62 6.13
N GLN B 195 29.31 2.68 6.05
CA GLN B 195 28.34 2.68 4.96
C GLN B 195 27.41 3.89 5.09
N ALA B 196 27.09 4.50 3.95
CA ALA B 196 26.19 5.63 3.94
C ALA B 196 24.80 5.20 4.41
N MET B 197 24.19 6.00 5.28
CA MET B 197 22.89 5.66 5.81
C MET B 197 22.11 6.93 6.14
N PHE B 198 20.79 6.83 6.05
CA PHE B 198 19.87 7.90 6.39
C PHE B 198 19.10 7.53 7.64
N LYS B 199 19.06 8.45 8.60
CA LYS B 199 18.34 8.26 9.85
C LYS B 199 17.20 9.27 9.91
N ILE B 200 15.98 8.78 10.09
CA ILE B 200 14.80 9.63 10.21
C ILE B 200 14.24 9.46 11.62
N THR B 201 14.03 10.58 12.30
CA THR B 201 13.59 10.57 13.69
C THR B 201 12.07 10.71 13.77
N ALA B 202 11.56 10.74 15.00
CA ALA B 202 10.12 10.84 15.20
C ALA B 202 9.58 12.23 14.87
N ASN B 203 10.45 13.23 14.75
CA ASN B 203 10.04 14.59 14.42
C ASN B 203 10.29 14.94 12.96
N GLY B 204 10.49 13.94 12.10
CA GLY B 204 10.62 14.17 10.68
C GLY B 204 11.84 14.95 10.25
N ARG B 205 13.01 14.62 10.79
CA ARG B 205 14.28 15.21 10.36
C ARG B 205 15.13 14.11 9.75
N VAL B 206 15.56 14.31 8.51
CA VAL B 206 16.37 13.34 7.79
C VAL B 206 17.84 13.70 8.02
N LEU B 207 18.62 12.74 8.52
CA LEU B 207 20.01 12.95 8.86
C LEU B 207 20.88 11.98 8.07
N ILE B 208 22.06 12.43 7.69
CA ILE B 208 23.01 11.62 6.95
C ILE B 208 24.10 11.15 7.89
N GLN B 209 24.57 9.92 7.69
CA GLN B 209 25.70 9.42 8.49
C GLN B 209 26.50 8.44 7.65
N GLY B 210 27.83 8.54 7.77
CA GLY B 210 28.71 7.69 7.01
C GLY B 210 28.93 8.11 5.57
N ILE B 211 28.39 9.24 5.15
CA ILE B 211 28.51 9.71 3.78
C ILE B 211 29.79 10.54 3.67
N PRO B 212 30.73 10.16 2.81
CA PRO B 212 31.97 10.93 2.69
C PRO B 212 31.74 12.31 2.10
N GLN B 213 32.64 13.23 2.44
CA GLN B 213 32.58 14.57 1.88
C GLN B 213 32.80 14.53 0.38
N GLY B 214 31.96 15.26 -0.36
CA GLY B 214 32.04 15.29 -1.81
C GLY B 214 31.46 14.08 -2.51
N ALA B 215 30.81 13.18 -1.80
CA ALA B 215 30.27 11.96 -2.39
C ALA B 215 28.83 12.17 -2.84
N VAL B 216 28.52 11.73 -4.05
CA VAL B 216 27.16 11.80 -4.58
C VAL B 216 26.31 10.80 -3.80
N PHE B 217 25.45 11.29 -2.93
CA PHE B 217 24.66 10.43 -2.05
C PHE B 217 23.20 10.49 -2.45
N GLY B 218 22.58 9.32 -2.59
CA GLY B 218 21.20 9.26 -3.02
C GLY B 218 20.50 8.04 -2.50
N GLY B 219 19.24 7.92 -2.89
CA GLY B 219 18.43 6.80 -2.49
C GLY B 219 16.95 7.10 -2.65
N THR B 220 16.18 6.02 -2.84
CA THR B 220 14.73 6.10 -2.93
C THR B 220 14.14 5.05 -1.99
N PHE B 221 13.11 5.45 -1.24
CA PHE B 221 12.57 4.59 -0.20
C PHE B 221 11.17 5.05 0.14
N THR B 222 10.52 4.28 1.01
CA THR B 222 9.22 4.66 1.54
C THR B 222 9.07 4.03 2.92
N PHE B 223 8.36 4.74 3.80
CA PHE B 223 8.20 4.30 5.17
C PHE B 223 6.76 4.51 5.63
N PRO B 224 6.24 3.63 6.45
CA PRO B 224 4.88 3.82 6.98
C PRO B 224 4.81 5.01 7.92
N LEU B 225 3.63 5.61 7.96
CA LEU B 225 3.36 6.72 8.86
C LEU B 225 2.90 6.19 10.21
N VAL B 226 2.48 7.09 11.09
CA VAL B 226 1.87 6.71 12.36
C VAL B 226 0.51 6.09 12.07
N VAL B 227 -0.04 5.40 13.07
CA VAL B 227 -1.39 4.86 12.98
C VAL B 227 -2.34 6.03 12.77
N THR B 228 -3.37 5.84 11.94
CA THR B 228 -4.24 6.92 11.53
C THR B 228 -5.66 6.70 12.05
N PRO B 229 -5.99 7.20 13.25
CA PRO B 229 -7.34 7.07 13.82
C PRO B 229 -8.32 8.06 13.19
N SER C 2 -42.42 11.14 -5.63
CA SER C 2 -43.64 10.35 -5.64
C SER C 2 -44.84 11.18 -5.18
N GLN C 3 -45.96 11.02 -5.89
CA GLN C 3 -47.17 11.76 -5.56
C GLN C 3 -47.77 11.23 -4.26
N LYS C 4 -48.29 12.13 -3.43
CA LYS C 4 -48.92 11.75 -2.18
C LYS C 4 -50.43 11.68 -2.36
N TYR C 5 -51.02 10.59 -1.88
CA TYR C 5 -52.46 10.37 -2.01
C TYR C 5 -53.18 10.97 -0.81
N SER C 6 -54.16 11.82 -1.09
CA SER C 6 -55.00 12.42 -0.05
C SER C 6 -56.42 11.87 -0.17
N PRO C 7 -56.94 11.18 0.85
CA PRO C 7 -58.31 10.67 0.77
C PRO C 7 -59.32 11.80 0.61
N SER C 8 -60.37 11.52 -0.16
CA SER C 8 -61.39 12.51 -0.48
C SER C 8 -62.68 12.21 0.23
N ILE C 9 -63.46 13.26 0.47
CA ILE C 9 -64.74 13.16 1.17
C ILE C 9 -65.75 12.45 0.27
N PRO C 10 -66.47 11.45 0.78
CA PRO C 10 -67.48 10.77 -0.05
C PRO C 10 -68.67 11.67 -0.31
N PRO C 11 -69.49 11.34 -1.31
CA PRO C 11 -70.70 12.15 -1.57
C PRO C 11 -71.69 12.07 -0.42
N GLN C 12 -72.74 12.89 -0.51
CA GLN C 12 -73.68 13.06 0.58
C GLN C 12 -74.76 11.98 0.65
N GLU C 13 -75.05 11.32 -0.47
CA GLU C 13 -76.12 10.32 -0.49
C GLU C 13 -75.62 9.06 -1.21
N GLU C 14 -76.21 7.92 -0.87
CA GLU C 14 -75.74 6.62 -1.31
C GLU C 14 -75.89 6.40 -2.81
N GLU C 15 -76.79 7.15 -3.44
CA GLU C 15 -77.08 6.97 -4.86
C GLU C 15 -75.88 7.26 -5.75
N GLU C 16 -75.03 8.20 -5.35
CA GLU C 16 -73.89 8.60 -6.17
C GLU C 16 -72.58 7.99 -5.71
N LEU C 17 -72.61 6.75 -5.21
CA LEU C 17 -71.41 6.16 -4.62
C LEU C 17 -70.53 5.48 -5.67
N LEU C 18 -71.10 5.19 -6.85
CA LEU C 18 -70.35 4.41 -7.82
C LEU C 18 -69.21 5.20 -8.46
N PRO C 19 -69.46 6.38 -9.08
CA PRO C 19 -68.34 7.12 -9.69
C PRO C 19 -67.27 7.51 -8.68
N PHE C 20 -67.69 7.82 -7.45
CA PHE C 20 -66.76 8.18 -6.40
C PHE C 20 -65.79 7.05 -6.10
N LEU C 21 -66.32 5.83 -5.97
CA LEU C 21 -65.46 4.67 -5.77
C LEU C 21 -64.51 4.49 -6.94
N ASN C 22 -65.02 4.67 -8.17
CA ASN C 22 -64.17 4.55 -9.35
C ASN C 22 -62.97 5.47 -9.26
N GLU C 23 -63.22 6.76 -9.01
CA GLU C 23 -62.15 7.75 -9.02
C GLU C 23 -61.15 7.51 -7.89
N GLU C 24 -61.65 7.31 -6.67
CA GLU C 24 -60.75 7.14 -5.55
C GLU C 24 -59.93 5.85 -5.68
N PHE C 25 -60.55 4.78 -6.18
CA PHE C 25 -59.83 3.52 -6.30
C PHE C 25 -58.81 3.58 -7.43
N VAL C 26 -59.11 4.24 -8.55
CA VAL C 26 -58.10 4.35 -9.59
C VAL C 26 -56.95 5.25 -9.11
N ARG C 27 -57.26 6.27 -8.30
CA ARG C 27 -56.19 7.10 -7.74
C ARG C 27 -55.27 6.27 -6.85
N VAL C 28 -55.84 5.52 -5.91
CA VAL C 28 -55.00 4.73 -5.01
C VAL C 28 -54.26 3.64 -5.77
N GLY C 29 -54.87 3.06 -6.80
CA GLY C 29 -54.18 2.07 -7.60
C GLY C 29 -53.00 2.65 -8.36
N GLN C 30 -53.18 3.84 -8.93
CA GLN C 30 -52.07 4.50 -9.60
C GLN C 30 -50.94 4.80 -8.64
N THR C 31 -51.27 5.29 -7.44
CA THR C 31 -50.21 5.55 -6.46
C THR C 31 -49.50 4.27 -6.06
N LEU C 32 -50.27 3.21 -5.80
CA LEU C 32 -49.68 1.95 -5.36
C LEU C 32 -48.78 1.36 -6.44
N ASN C 33 -49.19 1.43 -7.70
CA ASN C 33 -48.35 0.91 -8.78
C ASN C 33 -47.11 1.77 -8.97
N ASP C 34 -47.26 3.09 -8.94
CA ASP C 34 -46.12 3.99 -9.12
C ASP C 34 -45.13 3.84 -7.98
N LEU C 35 -45.57 3.33 -6.84
CA LEU C 35 -44.63 3.08 -5.75
C LEU C 35 -44.06 1.67 -5.82
N ALA C 36 -44.88 0.68 -6.23
CA ALA C 36 -44.44 -0.70 -6.24
C ALA C 36 -43.56 -1.04 -7.42
N ASP C 37 -43.54 -0.21 -8.46
CA ASP C 37 -42.60 -0.44 -9.56
C ASP C 37 -41.15 -0.22 -9.14
N GLY C 38 -40.92 0.37 -7.98
CA GLY C 38 -39.58 0.70 -7.54
C GLY C 38 -39.23 2.16 -7.68
N TYR C 39 -40.20 3.06 -7.54
CA TYR C 39 -40.00 4.50 -7.71
C TYR C 39 -40.21 5.18 -6.36
N TRP C 40 -39.11 5.39 -5.63
CA TRP C 40 -39.18 6.15 -4.39
C TRP C 40 -39.49 7.62 -4.63
N GLY C 41 -39.30 8.10 -5.85
CA GLY C 41 -39.49 9.50 -6.18
C GLY C 41 -38.20 10.14 -6.67
N VAL C 42 -38.30 11.43 -6.94
CA VAL C 42 -37.14 12.20 -7.39
C VAL C 42 -36.54 12.92 -6.20
N SER C 43 -35.21 12.88 -6.11
CA SER C 43 -34.51 13.61 -5.05
C SER C 43 -34.87 15.09 -5.12
N MET C 44 -35.20 15.66 -3.96
CA MET C 44 -35.78 17.00 -3.90
C MET C 44 -35.07 17.78 -2.80
N GLU C 45 -35.63 18.94 -2.46
CA GLU C 45 -35.12 19.84 -1.43
C GLU C 45 -35.00 19.12 -0.09
N PRO C 46 -34.26 19.67 0.88
CA PRO C 46 -33.92 18.88 2.07
C PRO C 46 -35.16 18.44 2.81
N PRO C 47 -35.08 17.31 3.51
CA PRO C 47 -36.26 16.74 4.18
C PRO C 47 -36.69 17.49 5.43
N LYS C 48 -37.65 16.91 6.15
CA LYS C 48 -38.32 17.54 7.27
C LYS C 48 -37.93 16.75 8.53
N LYS C 49 -38.62 16.99 9.65
CA LYS C 49 -38.22 16.58 11.00
C LYS C 49 -37.51 15.22 11.02
N LEU C 50 -36.36 15.19 11.67
CA LEU C 50 -35.52 14.00 11.72
C LEU C 50 -36.09 12.99 12.70
N LYS C 51 -36.06 11.71 12.31
CA LYS C 51 -36.43 10.63 13.20
C LYS C 51 -35.80 9.32 12.72
N PRO C 52 -35.24 8.52 13.62
CA PRO C 52 -34.61 7.25 13.21
C PRO C 52 -35.65 6.30 12.63
N GLY C 53 -35.38 5.80 11.43
CA GLY C 53 -36.31 4.89 10.78
C GLY C 53 -36.59 5.26 9.34
N THR C 54 -36.61 6.56 9.05
CA THR C 54 -36.79 7.06 7.69
C THR C 54 -35.46 7.68 7.24
N VAL C 55 -35.03 7.30 6.03
CA VAL C 55 -33.78 7.83 5.50
C VAL C 55 -33.95 8.14 4.01
N LYS C 56 -34.17 9.41 3.70
CA LYS C 56 -34.39 9.83 2.33
C LYS C 56 -33.05 10.01 1.61
N TYR C 57 -32.95 9.42 0.42
CA TYR C 57 -31.80 9.57 -0.45
C TYR C 57 -31.76 10.98 -1.02
N PHE C 58 -30.63 11.32 -1.65
CA PHE C 58 -30.43 12.69 -2.09
C PHE C 58 -29.60 12.73 -3.38
N ALA C 59 -29.65 13.90 -4.02
CA ALA C 59 -28.97 14.32 -5.24
C ALA C 59 -27.57 14.82 -4.88
N PRO C 60 -26.77 15.32 -5.83
CA PRO C 60 -25.45 15.85 -5.43
C PRO C 60 -25.55 17.08 -4.55
N GLY C 61 -24.50 17.29 -3.75
CA GLY C 61 -24.24 18.55 -3.09
C GLY C 61 -24.74 18.82 -1.69
N VAL C 62 -26.04 19.05 -1.51
CA VAL C 62 -26.52 19.71 -0.29
C VAL C 62 -26.40 18.77 0.91
N VAL C 63 -27.14 17.66 0.88
CA VAL C 63 -27.07 16.72 1.99
C VAL C 63 -25.73 15.99 1.98
N GLY C 64 -25.26 15.61 0.81
CA GLY C 64 -23.96 14.99 0.65
C GLY C 64 -23.32 15.38 -0.65
N PRO C 65 -21.98 15.33 -0.70
CA PRO C 65 -21.28 15.75 -1.93
C PRO C 65 -21.70 14.97 -3.17
N VAL C 66 -21.98 13.67 -3.04
CA VAL C 66 -22.30 12.84 -4.18
C VAL C 66 -23.78 12.46 -4.12
N SER C 67 -24.31 11.97 -5.24
CA SER C 67 -25.66 11.45 -5.27
C SER C 67 -25.75 10.17 -4.43
N GLY C 68 -26.96 9.63 -4.33
CA GLY C 68 -27.10 8.31 -3.74
C GLY C 68 -28.15 8.23 -2.65
N ILE C 69 -28.02 7.23 -1.77
CA ILE C 69 -29.02 6.96 -0.74
C ILE C 69 -28.37 7.25 0.60
N TYR C 70 -28.49 8.49 1.07
CA TYR C 70 -27.97 8.86 2.36
C TYR C 70 -28.92 8.38 3.46
N HIS C 71 -28.34 8.03 4.61
CA HIS C 71 -29.11 7.43 5.69
C HIS C 71 -28.54 7.90 7.02
N TYR C 72 -29.37 8.58 7.82
CA TYR C 72 -28.90 9.05 9.11
C TYR C 72 -29.22 8.01 10.19
N ASP C 73 -28.98 8.36 11.44
CA ASP C 73 -29.02 7.42 12.54
C ASP C 73 -29.32 8.20 13.82
N LEU C 74 -29.09 7.57 14.97
CA LEU C 74 -29.31 8.25 16.25
C LEU C 74 -28.46 9.50 16.36
N ASP C 75 -27.18 9.41 15.96
CA ASP C 75 -26.31 10.58 15.98
C ASP C 75 -26.73 11.60 14.91
N ASN C 76 -27.48 11.16 13.90
CA ASN C 76 -28.07 12.06 12.90
C ASN C 76 -27.00 12.75 12.06
N GLN C 77 -25.96 12.02 11.68
CA GLN C 77 -24.90 12.59 10.86
C GLN C 77 -25.11 12.37 9.36
N TRP C 78 -26.20 11.72 8.97
CA TRP C 78 -26.54 11.50 7.56
C TRP C 78 -25.41 10.76 6.84
N ARG C 79 -25.20 9.51 7.28
CA ARG C 79 -24.16 8.67 6.72
C ARG C 79 -24.33 8.51 5.22
N LEU C 80 -23.20 8.44 4.53
CA LEU C 80 -23.16 8.27 3.08
C LEU C 80 -23.84 6.96 2.67
N ALA C 81 -24.16 6.85 1.39
CA ALA C 81 -24.81 5.66 0.85
C ALA C 81 -23.91 4.45 0.99
N GLY C 82 -24.25 3.57 1.94
CA GLY C 82 -23.38 2.46 2.28
C GLY C 82 -22.41 2.88 3.36
N THR C 83 -22.47 2.24 4.52
CA THR C 83 -21.66 2.64 5.66
C THR C 83 -20.56 1.60 5.93
N LYS C 84 -19.40 2.09 6.31
CA LYS C 84 -18.25 1.27 6.70
C LYS C 84 -17.45 2.04 7.74
N PRO C 85 -17.22 1.46 8.93
CA PRO C 85 -16.54 2.22 9.99
C PRO C 85 -15.16 2.70 9.57
N LYS C 86 -14.26 1.76 9.27
CA LYS C 86 -12.92 2.06 8.77
C LYS C 86 -12.16 0.75 8.57
N ASP C 87 -10.96 0.86 8.02
CA ASP C 87 -9.97 -0.21 8.03
C ASP C 87 -8.64 0.35 8.54
N LEU C 88 -7.85 -0.52 9.18
CA LEU C 88 -6.60 -0.08 9.78
C LEU C 88 -5.64 -1.25 9.91
N PRO C 89 -4.34 -1.04 9.67
CA PRO C 89 -3.37 -2.12 9.86
C PRO C 89 -3.08 -2.39 11.33
N GLY C 90 -2.15 -3.30 11.60
CA GLY C 90 -1.82 -3.67 12.96
C GLY C 90 -0.77 -2.77 13.57
N ASP C 91 -0.22 -3.23 14.69
CA ASP C 91 0.79 -2.50 15.44
C ASP C 91 2.17 -3.14 15.22
N PHE C 92 3.21 -2.35 15.49
CA PHE C 92 4.59 -2.80 15.34
C PHE C 92 4.92 -3.76 16.48
N ILE C 93 5.12 -5.03 16.16
CA ILE C 93 5.38 -6.05 17.15
C ILE C 93 6.89 -6.13 17.38
N LEU C 94 7.31 -5.84 18.61
CA LEU C 94 8.72 -5.95 18.96
C LEU C 94 9.11 -7.42 19.12
N PHE C 95 10.22 -7.81 18.50
CA PHE C 95 10.68 -9.20 18.53
C PHE C 95 12.05 -9.28 19.16
N THR C 96 12.25 -10.31 19.97
CA THR C 96 13.54 -10.54 20.60
C THR C 96 14.52 -11.06 19.56
N PRO C 97 15.68 -10.41 19.39
CA PRO C 97 16.65 -10.88 18.39
C PRO C 97 17.16 -12.26 18.72
N GLN C 98 17.45 -13.03 17.67
CA GLN C 98 18.01 -14.37 17.79
C GLN C 98 19.53 -14.31 17.68
N ASN C 99 20.16 -15.45 17.93
CA ASN C 99 21.62 -15.59 17.86
C ASN C 99 22.34 -14.60 18.77
N ASN C 100 21.71 -14.27 19.90
CA ASN C 100 22.29 -13.38 20.91
C ASN C 100 22.64 -12.01 20.33
N HIS C 101 21.86 -11.53 19.38
CA HIS C 101 22.07 -10.20 18.83
C HIS C 101 21.52 -9.13 19.76
N GLN C 102 22.27 -8.04 19.89
CA GLN C 102 21.89 -6.96 20.80
C GLN C 102 21.24 -5.83 20.01
N PRO C 103 20.00 -5.45 20.32
CA PRO C 103 19.33 -4.39 19.54
C PRO C 103 20.00 -3.05 19.77
N MET C 104 20.28 -2.34 18.68
CA MET C 104 20.82 -0.99 18.72
C MET C 104 19.75 0.06 18.49
N GLY C 105 18.48 -0.33 18.46
CA GLY C 105 17.40 0.62 18.19
C GLY C 105 16.08 -0.09 18.06
N THR C 106 15.17 0.53 17.31
CA THR C 106 13.83 -0.01 17.11
C THR C 106 13.91 -1.18 16.13
N CYS C 107 13.71 -2.39 16.65
CA CYS C 107 13.72 -3.62 15.85
C CYS C 107 12.33 -4.25 15.96
N ALA C 108 11.44 -3.86 15.05
CA ALA C 108 10.05 -4.29 15.11
C ALA C 108 9.56 -4.70 13.73
N TYR C 109 8.42 -5.36 13.70
CA TYR C 109 7.77 -5.78 12.47
C TYR C 109 6.27 -5.54 12.58
N ARG C 110 5.63 -5.34 11.43
CA ARG C 110 4.21 -5.04 11.40
C ARG C 110 3.57 -5.62 10.15
N MET C 111 2.35 -6.12 10.31
CA MET C 111 1.45 -6.44 9.20
C MET C 111 0.89 -5.20 8.52
N ASN C 112 0.41 -5.41 7.29
CA ASN C 112 -0.49 -4.49 6.61
C ASN C 112 -1.37 -5.37 5.73
N THR C 113 -2.54 -5.75 6.27
CA THR C 113 -3.44 -6.65 5.56
C THR C 113 -4.08 -5.96 4.37
N ALA C 114 -4.43 -4.68 4.51
CA ALA C 114 -4.91 -3.91 3.36
C ALA C 114 -3.83 -3.82 2.29
N LYS C 115 -2.55 -3.87 2.68
CA LYS C 115 -1.45 -3.86 1.73
C LYS C 115 -0.96 -5.26 1.37
N ASP C 116 -1.35 -6.28 2.14
CA ASP C 116 -0.81 -7.62 1.99
C ASP C 116 0.71 -7.61 2.07
N GLU C 117 1.23 -6.92 3.09
CA GLU C 117 2.68 -6.74 3.19
C GLU C 117 3.10 -6.80 4.66
N VAL C 118 4.41 -6.92 4.86
CA VAL C 118 5.03 -6.87 6.19
C VAL C 118 6.18 -5.88 6.14
N TRP C 119 6.23 -4.98 7.11
CA TRP C 119 7.26 -3.96 7.20
C TRP C 119 8.10 -4.20 8.44
N ILE C 120 9.42 -4.26 8.26
CA ILE C 120 10.35 -4.62 9.33
C ILE C 120 11.45 -3.58 9.40
N THR C 121 11.73 -3.09 10.60
CA THR C 121 12.89 -2.24 10.86
C THR C 121 13.76 -2.91 11.92
N MET C 122 15.08 -2.74 11.80
CA MET C 122 15.97 -3.39 12.75
C MET C 122 17.34 -2.72 12.73
N LEU C 123 18.04 -2.84 13.85
CA LEU C 123 19.42 -2.36 13.99
C LEU C 123 20.03 -3.09 15.17
N MET C 124 20.99 -3.98 14.90
CA MET C 124 21.54 -4.84 15.94
C MET C 124 23.06 -4.89 15.83
N SER C 125 23.68 -5.30 16.93
CA SER C 125 25.13 -5.48 17.01
C SER C 125 25.42 -6.72 17.84
N GLY C 126 26.63 -7.26 17.65
CA GLY C 126 27.02 -8.44 18.39
C GLY C 126 26.30 -9.69 17.88
N GLY C 127 26.43 -10.75 18.67
CA GLY C 127 25.79 -12.01 18.32
C GLY C 127 26.53 -12.77 17.25
N ASN C 128 25.87 -13.81 16.75
CA ASN C 128 26.45 -14.66 15.72
C ASN C 128 26.38 -13.95 14.37
N TYR C 129 27.54 -13.69 13.78
CA TYR C 129 27.64 -13.04 12.47
C TYR C 129 27.88 -14.02 11.35
N THR C 130 27.73 -15.32 11.60
CA THR C 130 27.91 -16.31 10.55
C THR C 130 26.89 -16.10 9.44
N ASN C 131 27.33 -16.30 8.20
CA ASN C 131 26.41 -16.18 7.06
C ASN C 131 25.32 -17.24 7.14
N GLY C 132 24.08 -16.81 6.95
CA GLY C 132 22.94 -17.70 7.09
C GLY C 132 22.42 -17.86 8.49
N ALA C 133 22.95 -17.13 9.46
CA ALA C 133 22.43 -17.19 10.82
C ALA C 133 21.06 -16.52 10.90
N THR C 134 20.16 -17.13 11.66
CA THR C 134 18.79 -16.64 11.75
C THR C 134 18.68 -15.58 12.85
N VAL C 135 18.11 -14.43 12.50
CA VAL C 135 17.89 -13.36 13.47
C VAL C 135 16.42 -13.22 13.87
N LEU C 136 15.50 -13.73 13.05
CA LEU C 136 14.07 -13.65 13.36
C LEU C 136 13.33 -14.70 12.55
N ASP C 137 12.49 -15.48 13.24
CA ASP C 137 11.65 -16.49 12.61
C ASP C 137 10.22 -15.96 12.59
N LEU C 138 9.78 -15.52 11.41
CA LEU C 138 8.44 -14.96 11.28
C LEU C 138 7.38 -16.05 11.33
N PRO C 139 6.22 -15.75 11.91
CA PRO C 139 5.10 -16.71 11.88
C PRO C 139 4.63 -16.97 10.46
N GLN C 140 3.79 -18.00 10.32
CA GLN C 140 3.37 -18.48 9.01
C GLN C 140 2.62 -17.40 8.23
N ALA C 141 1.79 -16.61 8.93
CA ALA C 141 1.06 -15.53 8.25
C ALA C 141 2.00 -14.48 7.67
N TYR C 142 3.24 -14.43 8.13
CA TYR C 142 4.23 -13.47 7.63
C TYR C 142 5.07 -14.02 6.49
N TRP C 143 4.79 -15.24 6.04
CA TRP C 143 5.69 -15.92 5.09
C TRP C 143 5.62 -15.25 3.72
N PRO C 144 6.76 -14.84 3.16
CA PRO C 144 6.76 -14.31 1.79
C PRO C 144 6.42 -15.40 0.79
N PRO C 145 5.93 -15.03 -0.40
CA PRO C 145 5.61 -16.05 -1.41
C PRO C 145 6.82 -16.87 -1.85
N ALA C 146 8.01 -16.29 -1.85
CA ALA C 146 9.19 -16.99 -2.33
C ALA C 146 10.44 -16.41 -1.67
N GLU C 147 11.58 -16.97 -2.04
CA GLU C 147 12.85 -16.52 -1.50
C GLU C 147 13.16 -15.10 -1.96
N LEU C 148 13.81 -14.33 -1.09
CA LEU C 148 14.01 -12.91 -1.32
C LEU C 148 15.33 -12.46 -0.71
N PHE C 149 15.97 -11.49 -1.36
CA PHE C 149 17.24 -10.93 -0.90
C PHE C 149 17.19 -9.41 -0.96
N ILE C 150 17.74 -8.76 0.06
CA ILE C 150 17.78 -7.30 0.11
C ILE C 150 19.12 -6.85 0.61
N PRO C 151 19.57 -5.67 0.18
CA PRO C 151 20.79 -5.08 0.74
C PRO C 151 20.61 -4.73 2.20
N ALA C 152 21.70 -4.79 2.94
CA ALA C 152 21.70 -4.48 4.37
C ALA C 152 22.79 -3.48 4.69
N TYR C 153 22.51 -2.62 5.66
CA TYR C 153 23.49 -1.65 6.12
C TYR C 153 24.43 -2.30 7.13
N SER C 154 25.72 -2.02 6.98
CA SER C 154 26.74 -2.49 7.91
C SER C 154 27.66 -1.33 8.25
N SER C 155 27.88 -1.10 9.55
CA SER C 155 28.79 -0.04 9.97
C SER C 155 30.22 -0.32 9.54
N ILE C 156 30.58 -1.58 9.31
CA ILE C 156 31.92 -1.97 8.89
C ILE C 156 31.81 -2.57 7.49
N ILE C 157 32.59 -2.01 6.56
CA ILE C 157 32.68 -2.54 5.20
C ILE C 157 34.16 -2.79 4.92
N PRO C 158 34.75 -3.84 5.49
CA PRO C 158 36.20 -4.01 5.42
C PRO C 158 36.64 -4.66 4.12
N ALA C 159 37.86 -4.31 3.71
CA ALA C 159 38.52 -4.90 2.55
C ALA C 159 39.77 -5.63 3.00
N GLN C 160 40.33 -6.42 2.08
CA GLN C 160 41.60 -7.09 2.29
C GLN C 160 42.55 -6.67 1.18
N SER C 161 43.79 -6.37 1.55
CA SER C 161 44.80 -5.90 0.61
C SER C 161 46.02 -6.80 0.68
N THR C 162 46.43 -7.36 -0.45
CA THR C 162 47.63 -8.16 -0.56
C THR C 162 48.66 -7.40 -1.38
N ILE C 163 49.85 -7.25 -0.82
CA ILE C 163 50.91 -6.48 -1.45
C ILE C 163 51.92 -7.44 -2.05
N THR C 164 52.35 -7.17 -3.27
CA THR C 164 53.24 -8.03 -4.02
C THR C 164 54.51 -7.26 -4.37
N TYR C 165 55.66 -7.87 -4.06
CA TYR C 165 56.98 -7.28 -4.31
C TYR C 165 57.73 -8.13 -5.32
N PRO C 166 57.83 -7.70 -6.57
CA PRO C 166 58.53 -8.49 -7.58
C PRO C 166 60.03 -8.52 -7.32
N PRO C 167 60.73 -9.55 -7.79
CA PRO C 167 62.18 -9.60 -7.62
C PRO C 167 62.86 -8.50 -8.43
N PRO C 168 64.08 -8.10 -8.06
CA PRO C 168 64.74 -7.01 -8.76
C PRO C 168 64.92 -7.31 -10.25
N SER C 169 64.75 -6.28 -11.07
CA SER C 169 64.91 -6.45 -12.51
C SER C 169 66.36 -6.79 -12.87
N ASP C 170 67.32 -6.13 -12.22
CA ASP C 170 68.74 -6.37 -12.45
C ASP C 170 69.38 -6.89 -11.17
N PRO C 171 69.62 -8.19 -11.05
CA PRO C 171 70.29 -8.71 -9.84
C PRO C 171 71.70 -8.20 -9.65
N ASN C 172 72.36 -7.76 -10.71
CA ASN C 172 73.72 -7.24 -10.63
C ASN C 172 73.77 -5.76 -10.27
N ALA C 173 72.62 -5.11 -10.15
CA ALA C 173 72.58 -3.70 -9.77
C ALA C 173 72.97 -3.55 -8.30
N PRO C 174 73.39 -2.36 -7.89
CA PRO C 174 73.70 -2.13 -6.49
C PRO C 174 72.48 -2.38 -5.62
N PRO C 175 72.69 -2.82 -4.37
CA PRO C 175 71.54 -3.17 -3.52
C PRO C 175 70.53 -2.05 -3.36
N LEU C 176 71.00 -0.79 -3.26
CA LEU C 176 70.08 0.34 -3.18
C LEU C 176 69.23 0.42 -4.44
N ASP C 177 69.86 0.28 -5.61
CA ASP C 177 69.12 0.34 -6.87
C ASP C 177 68.13 -0.82 -7.00
N GLN C 178 68.53 -2.02 -6.59
CA GLN C 178 67.63 -3.16 -6.64
C GLN C 178 66.43 -2.96 -5.71
N VAL C 179 66.68 -2.45 -4.50
CA VAL C 179 65.59 -2.19 -3.57
C VAL C 179 64.64 -1.13 -4.12
N PHE C 180 65.21 -0.07 -4.71
CA PHE C 180 64.37 0.98 -5.28
C PHE C 180 63.54 0.45 -6.45
N ASP C 181 64.13 -0.41 -7.29
CA ASP C 181 63.38 -1.00 -8.39
C ASP C 181 62.24 -1.89 -7.88
N VAL C 182 62.52 -2.70 -6.87
CA VAL C 182 61.49 -3.55 -6.30
C VAL C 182 60.36 -2.70 -5.70
N LEU C 183 60.73 -1.65 -4.98
CA LEU C 183 59.73 -0.78 -4.36
C LEU C 183 58.88 -0.07 -5.40
N ASN C 184 59.51 0.44 -6.46
CA ASN C 184 58.77 1.16 -7.49
C ASN C 184 57.87 0.22 -8.29
N ARG C 185 58.25 -1.05 -8.40
CA ARG C 185 57.45 -2.02 -9.12
C ARG C 185 56.50 -2.81 -8.22
N ALA C 186 56.37 -2.41 -6.96
CA ALA C 186 55.46 -3.06 -6.05
C ALA C 186 54.01 -2.85 -6.47
N THR C 187 53.16 -3.81 -6.14
CA THR C 187 51.74 -3.76 -6.50
C THR C 187 50.88 -4.06 -5.29
N ILE C 188 49.64 -3.60 -5.33
CA ILE C 188 48.65 -3.85 -4.29
C ILE C 188 47.37 -4.33 -4.94
N GLN C 189 46.80 -5.43 -4.42
CA GLN C 189 45.55 -5.99 -4.91
C GLN C 189 44.54 -5.99 -3.78
N THR C 190 43.37 -5.40 -4.04
CA THR C 190 42.31 -5.31 -3.05
C THR C 190 41.31 -6.45 -3.27
N GLY C 191 40.98 -7.17 -2.20
CA GLY C 191 40.10 -8.31 -2.30
C GLY C 191 38.64 -7.94 -2.43
N VAL C 192 37.82 -8.98 -2.61
CA VAL C 192 36.38 -8.79 -2.77
C VAL C 192 35.75 -8.50 -1.41
N VAL C 193 34.92 -7.47 -1.36
CA VAL C 193 34.19 -7.09 -0.16
C VAL C 193 32.75 -7.55 -0.30
N ASN C 194 32.30 -8.37 0.64
CA ASN C 194 30.95 -8.91 0.63
C ASN C 194 30.01 -7.89 1.26
N GLN C 195 29.12 -7.32 0.46
CA GLN C 195 28.15 -6.37 0.96
C GLN C 195 27.17 -7.05 1.90
N ALA C 196 26.82 -6.37 2.99
CA ALA C 196 25.85 -6.90 3.94
C ALA C 196 24.49 -7.04 3.29
N MET C 197 23.85 -8.20 3.50
CA MET C 197 22.56 -8.44 2.90
C MET C 197 21.72 -9.35 3.80
N PHE C 198 20.41 -9.18 3.71
CA PHE C 198 19.44 -9.99 4.43
C PHE C 198 18.68 -10.87 3.45
N LYS C 199 18.59 -12.16 3.76
CA LYS C 199 17.88 -13.13 2.94
C LYS C 199 16.69 -13.65 3.74
N ILE C 200 15.49 -13.53 3.18
CA ILE C 200 14.27 -14.03 3.80
C ILE C 200 13.71 -15.15 2.93
N THR C 201 13.46 -16.30 3.54
CA THR C 201 13.02 -17.47 2.82
C THR C 201 11.49 -17.58 2.84
N ALA C 202 10.96 -18.63 2.23
CA ALA C 202 9.53 -18.84 2.17
C ALA C 202 8.92 -19.22 3.51
N ASN C 203 9.75 -19.64 4.47
CA ASN C 203 9.28 -20.03 5.79
C ASN C 203 9.51 -18.95 6.83
N GLY C 204 9.77 -17.71 6.41
CA GLY C 204 9.88 -16.59 7.33
C GLY C 204 11.07 -16.64 8.27
N ARG C 205 12.25 -16.98 7.76
CA ARG C 205 13.49 -16.94 8.53
C ARG C 205 14.40 -15.88 7.92
N VAL C 206 14.82 -14.92 8.73
CA VAL C 206 15.68 -13.83 8.27
C VAL C 206 17.13 -14.25 8.53
N LEU C 207 17.95 -14.23 7.50
CA LEU C 207 19.33 -14.65 7.57
C LEU C 207 20.25 -13.51 7.15
N ILE C 208 21.41 -13.44 7.78
CA ILE C 208 22.40 -12.41 7.48
C ILE C 208 23.51 -13.03 6.63
N GLN C 209 24.04 -12.25 5.69
CA GLN C 209 25.18 -12.71 4.91
C GLN C 209 26.03 -11.52 4.52
N GLY C 210 27.35 -11.71 4.60
CA GLY C 210 28.29 -10.64 4.28
C GLY C 210 28.49 -9.62 5.36
N ILE C 211 27.88 -9.81 6.54
CA ILE C 211 27.99 -8.86 7.63
C ILE C 211 29.23 -9.21 8.45
N PRO C 212 30.18 -8.30 8.61
CA PRO C 212 31.40 -8.63 9.37
C PRO C 212 31.09 -8.79 10.85
N GLN C 213 31.95 -9.58 11.51
CA GLN C 213 31.83 -9.77 12.95
C GLN C 213 32.06 -8.45 13.67
N GLY C 214 31.18 -8.15 14.63
CA GLY C 214 31.26 -6.92 15.40
C GLY C 214 30.75 -5.69 14.69
N ALA C 215 30.13 -5.83 13.52
CA ALA C 215 29.66 -4.70 12.75
C ALA C 215 28.22 -4.38 13.10
N VAL C 216 27.94 -3.10 13.32
CA VAL C 216 26.56 -2.65 13.58
C VAL C 216 25.77 -2.79 12.29
N PHE C 217 24.87 -3.77 12.24
CA PHE C 217 24.13 -4.08 11.03
C PHE C 217 22.66 -3.73 11.22
N GLY C 218 22.10 -3.01 10.26
CA GLY C 218 20.73 -2.56 10.38
C GLY C 218 20.08 -2.38 9.03
N GLY C 219 18.83 -1.94 9.07
CA GLY C 219 18.06 -1.71 7.87
C GLY C 219 16.58 -1.69 8.15
N THR C 220 15.87 -0.97 7.28
CA THR C 220 14.42 -0.89 7.33
C THR C 220 13.87 -1.16 5.94
N PHE C 221 12.82 -1.98 5.87
CA PHE C 221 12.32 -2.44 4.58
C PHE C 221 10.90 -2.93 4.75
N THR C 222 10.28 -3.28 3.63
CA THR C 222 8.96 -3.89 3.63
C THR C 222 8.84 -4.77 2.39
N PHE C 223 8.10 -5.86 2.54
CA PHE C 223 7.95 -6.83 1.46
C PHE C 223 6.51 -7.29 1.37
N PRO C 224 6.02 -7.54 0.16
CA PRO C 224 4.66 -8.05 0.00
C PRO C 224 4.52 -9.47 0.56
N LEU C 225 3.32 -9.77 1.02
CA LEU C 225 2.99 -11.10 1.52
C LEU C 225 2.55 -11.98 0.36
N VAL C 226 2.09 -13.19 0.69
CA VAL C 226 1.50 -14.08 -0.30
C VAL C 226 0.17 -13.49 -0.75
N VAL C 227 -0.35 -14.01 -1.87
CA VAL C 227 -1.68 -13.60 -2.34
C VAL C 227 -2.68 -13.99 -1.27
N THR C 228 -3.69 -13.15 -1.06
CA THR C 228 -4.62 -13.31 0.05
C THR C 228 -6.02 -13.61 -0.46
N PRO C 229 -6.38 -14.90 -0.64
CA PRO C 229 -7.73 -15.28 -1.09
C PRO C 229 -8.75 -15.22 0.03
#